data_8QCE
#
_entry.id   8QCE
#
_cell.length_a   46.902
_cell.length_b   82.792
_cell.length_c   80.642
_cell.angle_alpha   90.000
_cell.angle_beta   98.115
_cell.angle_gamma   90.000
#
_symmetry.space_group_name_H-M   'P 1 21 1'
#
loop_
_entity.id
_entity.type
_entity.pdbx_description
1 polymer N-acetyl-beta-hexosaminidase
2 non-polymer 6-ACETAMIDO-6-DEOXY-CASTANOSPERMINE
3 non-polymer 1,2-ETHANEDIOL
4 non-polymer DI(HYDROXYETHYL)ETHER
5 water water
#
_entity_poly.entity_id   1
_entity_poly.type   'polypeptide(L)'
_entity_poly.pdbx_seq_one_letter_code
;HHHPRNSSTLNTSQGVMLDLGRHPLDETAIKAVISAAAEQHMQYVELHLSDNEHLCFQSAYLGNAASATVLSATTLEQLV
AYANQLNIELVPDVDLPSHAGAILRQLQQTHPDIYNTVKLDDETIDYTKPAAISLATTLYGELDASFNNQSQHDLMLGAD
EVPGSASAYIELTTFINQVSRFQNQHGFNTSIWNDSLLKNELTRLDSNITINYWSQSGNNTDVAIIADRYANRVSVPDIL
ASGHPIVNCNSYATYYQIKNIGNVNDDDYFINYLNHTFRPNIFNEIDTNGHNQDWTIEDGVTTNGILVSLWGADSEHVTP
TAIVNFIKRMTIPRSF
;
_entity_poly.pdbx_strand_id   A,B
#
loop_
_chem_comp.id
_chem_comp.type
_chem_comp.name
_chem_comp.formula
EDO non-polymer 1,2-ETHANEDIOL 'C2 H6 O2'
GC2 non-polymer 6-ACETAMIDO-6-DEOXY-CASTANOSPERMINE 'C10 H18 N2 O4'
PEG non-polymer DI(HYDROXYETHYL)ETHER 'C4 H10 O3'
#
# COMPACT_ATOMS: atom_id res chain seq x y z
N PRO A 4 -24.64 -6.28 -11.68
CA PRO A 4 -23.26 -5.90 -12.05
C PRO A 4 -22.38 -5.77 -10.81
N ARG A 5 -21.11 -6.15 -10.92
CA ARG A 5 -20.18 -6.15 -9.80
C ARG A 5 -19.81 -4.71 -9.50
N ASN A 6 -19.74 -4.37 -8.21
CA ASN A 6 -19.23 -3.09 -7.78
C ASN A 6 -18.41 -3.33 -6.52
N SER A 7 -17.12 -3.46 -6.77
CA SER A 7 -16.19 -3.61 -5.70
C SER A 7 -15.71 -2.24 -5.23
N SER A 8 -16.19 -1.06 -5.75
CA SER A 8 -15.55 0.20 -5.37
C SER A 8 -15.82 0.48 -3.91
N THR A 9 -14.83 1.07 -3.23
CA THR A 9 -15.02 1.63 -1.90
C THR A 9 -14.78 3.13 -1.90
N LEU A 10 -14.73 3.77 -3.06
CA LEU A 10 -14.50 5.23 -3.04
C LEU A 10 -15.62 5.97 -2.31
N ASN A 11 -16.85 5.46 -2.38
CA ASN A 11 -17.99 6.05 -1.67
C ASN A 11 -17.87 5.98 -0.16
N THR A 12 -16.88 5.29 0.44
CA THR A 12 -16.64 5.31 1.86
C THR A 12 -15.19 5.68 2.20
N SER A 13 -14.52 6.37 1.28
CA SER A 13 -13.12 6.68 1.40
C SER A 13 -12.87 8.18 1.32
N GLN A 14 -11.64 8.54 1.74
CA GLN A 14 -11.13 9.90 1.68
C GLN A 14 -9.98 9.95 0.68
N GLY A 15 -10.04 10.88 -0.26
CA GLY A 15 -8.97 10.99 -1.24
C GLY A 15 -8.78 12.42 -1.71
N VAL A 16 -7.73 12.60 -2.53
CA VAL A 16 -7.40 13.87 -3.14
C VAL A 16 -7.16 13.67 -4.63
N MET A 17 -7.60 14.61 -5.43
N MET A 17 -7.57 14.65 -5.43
CA MET A 17 -7.47 14.62 -6.86
CA MET A 17 -7.42 14.61 -6.88
C MET A 17 -6.55 15.76 -7.27
C MET A 17 -6.47 15.72 -7.33
N LEU A 18 -5.53 15.41 -8.06
N LEU A 18 -5.51 15.36 -8.18
CA LEU A 18 -4.58 16.30 -8.72
CA LEU A 18 -4.57 16.33 -8.72
C LEU A 18 -4.94 16.53 -10.18
C LEU A 18 -4.90 16.53 -10.19
N ASP A 19 -5.11 17.80 -10.57
CA ASP A 19 -5.44 18.17 -11.94
C ASP A 19 -4.18 18.34 -12.76
N LEU A 20 -3.61 17.20 -13.21
CA LEU A 20 -2.41 17.19 -14.02
C LEU A 20 -2.71 17.71 -15.42
N GLY A 21 -3.98 17.54 -15.87
CA GLY A 21 -4.36 18.02 -17.17
C GLY A 21 -4.23 19.53 -17.32
N ARG A 22 -4.29 20.25 -16.18
CA ARG A 22 -4.02 21.70 -16.19
C ARG A 22 -2.64 22.02 -15.59
N HIS A 23 -2.19 21.24 -14.63
CA HIS A 23 -0.91 21.53 -13.92
C HIS A 23 -0.11 20.24 -13.90
N PRO A 24 0.70 20.00 -14.96
CA PRO A 24 1.47 18.75 -15.04
C PRO A 24 2.46 18.66 -13.89
N LEU A 25 2.71 17.42 -13.45
CA LEU A 25 3.67 17.12 -12.39
C LEU A 25 4.49 15.90 -12.80
N ASP A 26 5.74 15.85 -12.31
CA ASP A 26 6.60 14.69 -12.56
C ASP A 26 6.50 13.66 -11.43
N GLU A 27 7.21 12.53 -11.65
CA GLU A 27 7.14 11.42 -10.73
C GLU A 27 7.57 11.76 -9.32
N THR A 28 8.62 12.58 -9.20
CA THR A 28 9.08 12.99 -7.88
C THR A 28 7.98 13.75 -7.11
N ALA A 29 7.36 14.69 -7.82
CA ALA A 29 6.27 15.46 -7.18
C ALA A 29 5.07 14.57 -6.84
N ILE A 30 4.72 13.65 -7.75
CA ILE A 30 3.54 12.82 -7.48
C ILE A 30 3.81 11.86 -6.32
N LYS A 31 5.05 11.32 -6.23
N LYS A 31 5.05 11.31 -6.23
CA LYS A 31 5.38 10.50 -5.08
CA LYS A 31 5.39 10.51 -5.07
C LYS A 31 5.22 11.31 -3.78
C LYS A 31 5.21 11.31 -3.78
N ALA A 32 5.61 12.59 -3.80
CA ALA A 32 5.51 13.41 -2.59
C ALA A 32 4.04 13.65 -2.23
N VAL A 33 3.17 13.78 -3.26
CA VAL A 33 1.72 13.86 -3.00
C VAL A 33 1.20 12.56 -2.39
N ILE A 34 1.56 11.42 -2.96
CA ILE A 34 1.15 10.15 -2.43
C ILE A 34 1.54 10.00 -0.97
N SER A 35 2.80 10.37 -0.65
N SER A 35 2.80 10.37 -0.66
CA SER A 35 3.29 10.34 0.70
CA SER A 35 3.28 10.30 0.69
C SER A 35 2.47 11.23 1.63
C SER A 35 2.50 11.24 1.63
N ALA A 36 2.17 12.45 1.17
CA ALA A 36 1.35 13.38 1.94
C ALA A 36 -0.03 12.82 2.22
N ALA A 37 -0.67 12.23 1.19
CA ALA A 37 -2.00 11.63 1.36
C ALA A 37 -1.93 10.53 2.40
N ALA A 38 -0.90 9.68 2.31
CA ALA A 38 -0.73 8.61 3.28
C ALA A 38 -0.52 9.15 4.70
N GLU A 39 0.29 10.20 4.85
CA GLU A 39 0.51 10.82 6.16
C GLU A 39 -0.79 11.31 6.79
N GLN A 40 -1.69 11.82 5.93
CA GLN A 40 -2.98 12.32 6.37
C GLN A 40 -4.07 11.25 6.42
N HIS A 41 -3.72 9.97 6.33
CA HIS A 41 -4.64 8.87 6.48
C HIS A 41 -5.69 8.83 5.37
N MET A 42 -5.38 9.38 4.20
CA MET A 42 -6.25 9.21 3.05
C MET A 42 -6.11 7.79 2.50
N GLN A 43 -7.04 7.34 1.67
CA GLN A 43 -6.94 6.03 1.06
C GLN A 43 -6.59 6.07 -0.42
N TYR A 44 -6.74 7.18 -1.11
CA TYR A 44 -6.49 7.21 -2.54
C TYR A 44 -6.05 8.59 -2.99
N VAL A 45 -5.32 8.56 -4.11
CA VAL A 45 -4.93 9.73 -4.89
C VAL A 45 -5.44 9.53 -6.30
N GLU A 46 -6.20 10.49 -6.81
CA GLU A 46 -6.76 10.47 -8.12
C GLU A 46 -5.99 11.41 -9.05
N LEU A 47 -5.48 10.84 -10.15
CA LEU A 47 -4.65 11.58 -11.08
C LEU A 47 -5.49 11.91 -12.32
N HIS A 48 -5.90 13.19 -12.44
CA HIS A 48 -6.62 13.66 -13.61
C HIS A 48 -5.59 13.94 -14.69
N LEU A 49 -5.40 12.93 -15.55
CA LEU A 49 -4.24 12.83 -16.44
C LEU A 49 -4.40 13.58 -17.74
N SER A 50 -5.60 14.10 -18.04
CA SER A 50 -5.80 14.78 -19.29
C SER A 50 -6.98 15.73 -19.15
N ASP A 51 -6.93 16.79 -19.95
CA ASP A 51 -8.05 17.73 -20.05
C ASP A 51 -7.90 18.44 -21.38
N ASN A 52 -8.44 19.65 -21.51
CA ASN A 52 -8.30 20.39 -22.75
C ASN A 52 -6.87 20.85 -22.95
N GLU A 53 -6.19 21.18 -21.85
CA GLU A 53 -4.91 21.86 -21.90
C GLU A 53 -3.75 20.89 -22.16
N HIS A 54 -3.66 19.78 -21.41
CA HIS A 54 -2.52 18.87 -21.52
C HIS A 54 -3.00 17.43 -21.50
N LEU A 55 -2.24 16.62 -22.22
CA LEU A 55 -2.35 15.18 -22.22
C LEU A 55 -1.13 14.62 -21.49
N CYS A 56 -1.32 14.11 -20.28
CA CYS A 56 -0.22 13.75 -19.38
C CYS A 56 -0.06 12.25 -19.19
N PHE A 57 -0.59 11.45 -20.12
CA PHE A 57 -0.25 10.02 -20.17
C PHE A 57 0.17 9.69 -21.60
N GLN A 58 1.20 8.84 -21.71
CA GLN A 58 1.57 8.28 -22.99
C GLN A 58 0.58 7.19 -23.38
N SER A 59 0.11 7.23 -24.63
CA SER A 59 -0.76 6.19 -25.19
C SER A 59 -0.06 5.63 -26.42
N ALA A 60 0.08 4.30 -26.46
CA ALA A 60 0.62 3.66 -27.64
C ALA A 60 -0.23 4.00 -28.87
N TYR A 61 -1.55 3.90 -28.74
CA TYR A 61 -2.43 4.23 -29.84
C TYR A 61 -2.27 5.66 -30.30
N LEU A 62 -2.28 6.62 -29.36
CA LEU A 62 -2.21 8.02 -29.77
C LEU A 62 -0.84 8.43 -30.31
N GLY A 63 0.21 7.70 -29.95
CA GLY A 63 1.51 7.93 -30.50
C GLY A 63 2.23 9.17 -29.95
N ASN A 64 1.81 9.67 -28.78
CA ASN A 64 2.51 10.79 -28.16
C ASN A 64 3.79 10.31 -27.49
N ALA A 65 4.76 11.23 -27.40
CA ALA A 65 6.03 11.00 -26.74
C ALA A 65 5.90 11.21 -25.23
N ALA A 66 6.62 10.38 -24.47
CA ALA A 66 6.70 10.50 -23.03
C ALA A 66 7.73 11.53 -22.59
N SER A 67 7.58 11.96 -21.35
CA SER A 67 8.52 12.90 -20.72
C SER A 67 8.33 12.80 -19.22
N ALA A 68 8.95 13.73 -18.50
CA ALA A 68 8.76 13.75 -17.05
C ALA A 68 7.29 13.95 -16.66
N THR A 69 6.57 14.72 -17.50
CA THR A 69 5.18 15.04 -17.18
C THR A 69 4.17 14.39 -18.09
N VAL A 70 4.57 13.79 -19.20
CA VAL A 70 3.72 12.92 -20.01
C VAL A 70 4.09 11.51 -19.65
N LEU A 71 3.32 10.94 -18.71
CA LEU A 71 3.80 9.79 -17.94
C LEU A 71 3.72 8.53 -18.80
N SER A 72 4.88 7.88 -18.97
CA SER A 72 4.97 6.61 -19.68
C SER A 72 4.30 5.51 -18.87
N ALA A 73 4.08 4.36 -19.51
CA ALA A 73 3.54 3.23 -18.79
C ALA A 73 4.50 2.82 -17.67
N THR A 74 5.81 2.85 -17.92
CA THR A 74 6.77 2.50 -16.90
C THR A 74 6.69 3.48 -15.72
N THR A 75 6.60 4.79 -16.00
CA THR A 75 6.49 5.74 -14.92
C THR A 75 5.22 5.51 -14.11
N LEU A 76 4.08 5.26 -14.79
CA LEU A 76 2.83 4.97 -14.09
C LEU A 76 2.95 3.71 -13.25
N GLU A 77 3.58 2.64 -13.80
CA GLU A 77 3.74 1.43 -13.01
C GLU A 77 4.58 1.67 -11.76
N GLN A 78 5.62 2.50 -11.86
CA GLN A 78 6.43 2.87 -10.70
C GLN A 78 5.61 3.64 -9.67
N LEU A 79 4.75 4.58 -10.13
CA LEU A 79 3.90 5.31 -9.19
C LEU A 79 2.89 4.41 -8.49
N VAL A 80 2.29 3.47 -9.24
CA VAL A 80 1.37 2.50 -8.65
C VAL A 80 2.11 1.63 -7.62
N ALA A 81 3.35 1.20 -7.92
CA ALA A 81 4.06 0.40 -6.96
C ALA A 81 4.39 1.16 -5.68
N TYR A 82 4.74 2.44 -5.85
CA TYR A 82 5.00 3.31 -4.70
C TYR A 82 3.74 3.49 -3.84
N ALA A 83 2.63 3.81 -4.50
CA ALA A 83 1.33 3.91 -3.82
C ALA A 83 1.00 2.62 -3.06
N ASN A 84 1.22 1.48 -3.72
CA ASN A 84 0.94 0.22 -3.09
C ASN A 84 1.78 0.00 -1.83
N GLN A 85 3.03 0.46 -1.84
CA GLN A 85 3.88 0.34 -0.66
C GLN A 85 3.38 1.17 0.52
N LEU A 86 2.64 2.25 0.23
CA LEU A 86 2.04 3.11 1.23
C LEU A 86 0.57 2.80 1.47
N ASN A 87 0.05 1.74 0.88
CA ASN A 87 -1.34 1.33 1.01
C ASN A 87 -2.29 2.45 0.53
N ILE A 88 -1.95 3.10 -0.57
CA ILE A 88 -2.75 4.12 -1.23
C ILE A 88 -3.17 3.57 -2.59
N GLU A 89 -4.48 3.71 -2.91
CA GLU A 89 -4.94 3.40 -4.25
C GLU A 89 -4.63 4.56 -5.17
N LEU A 90 -4.12 4.29 -6.37
CA LEU A 90 -3.93 5.32 -7.38
C LEU A 90 -5.03 5.17 -8.43
N VAL A 91 -5.84 6.21 -8.57
CA VAL A 91 -7.03 6.21 -9.39
C VAL A 91 -6.80 7.01 -10.65
N PRO A 92 -6.67 6.39 -11.83
CA PRO A 92 -6.59 7.16 -13.05
C PRO A 92 -7.86 7.92 -13.30
N ASP A 93 -7.77 9.04 -13.99
CA ASP A 93 -8.92 9.90 -14.24
C ASP A 93 -8.66 10.55 -15.59
N VAL A 94 -9.42 10.16 -16.62
CA VAL A 94 -9.19 10.55 -17.99
C VAL A 94 -10.53 10.96 -18.55
N ASP A 95 -10.73 12.26 -18.73
CA ASP A 95 -12.09 12.74 -18.95
C ASP A 95 -12.51 12.44 -20.38
N LEU A 96 -13.72 11.86 -20.48
CA LEU A 96 -14.39 11.71 -21.75
C LEU A 96 -15.88 11.86 -21.45
N PRO A 97 -16.73 12.20 -22.45
CA PRO A 97 -16.35 12.54 -23.82
C PRO A 97 -15.91 13.99 -24.03
N SER A 98 -16.13 14.86 -23.05
CA SER A 98 -15.68 16.23 -23.16
C SER A 98 -14.43 16.41 -22.30
N HIS A 99 -13.97 17.68 -22.19
CA HIS A 99 -12.67 17.95 -21.55
C HIS A 99 -11.58 17.06 -22.18
N ALA A 100 -11.67 16.88 -23.51
CA ALA A 100 -10.81 15.95 -24.25
C ALA A 100 -10.00 16.71 -25.31
N GLY A 101 -9.80 18.03 -25.16
CA GLY A 101 -9.10 18.77 -26.19
C GLY A 101 -7.70 18.23 -26.50
N ALA A 102 -6.93 17.87 -25.47
CA ALA A 102 -5.54 17.46 -25.70
C ALA A 102 -5.51 16.09 -26.39
N ILE A 103 -6.39 15.17 -25.99
CA ILE A 103 -6.48 13.90 -26.70
C ILE A 103 -6.82 14.17 -28.17
N LEU A 104 -7.80 15.04 -28.44
CA LEU A 104 -8.18 15.31 -29.82
C LEU A 104 -7.04 15.90 -30.63
N ARG A 105 -6.30 16.83 -30.07
CA ARG A 105 -5.17 17.43 -30.80
C ARG A 105 -4.15 16.36 -31.17
N GLN A 106 -3.91 15.42 -30.28
CA GLN A 106 -2.95 14.36 -30.58
C GLN A 106 -3.51 13.41 -31.64
N LEU A 107 -4.80 13.06 -31.50
CA LEU A 107 -5.43 12.12 -32.42
C LEU A 107 -5.42 12.68 -33.85
N GLN A 108 -5.60 14.02 -34.00
CA GLN A 108 -5.53 14.65 -35.30
C GLN A 108 -4.22 14.37 -36.01
N GLN A 109 -3.12 14.31 -35.23
CA GLN A 109 -1.80 14.10 -35.80
C GLN A 109 -1.58 12.67 -36.23
N THR A 110 -1.98 11.68 -35.45
CA THR A 110 -1.63 10.29 -35.70
C THR A 110 -2.74 9.43 -36.30
N HIS A 111 -4.01 9.84 -36.16
CA HIS A 111 -5.14 9.12 -36.73
C HIS A 111 -6.12 10.14 -37.30
N PRO A 112 -5.75 10.90 -38.34
CA PRO A 112 -6.59 11.98 -38.85
C PRO A 112 -7.97 11.51 -39.31
N ASP A 113 -8.06 10.29 -39.87
CA ASP A 113 -9.29 9.57 -40.20
C ASP A 113 -10.27 9.49 -39.02
N ILE A 114 -9.73 8.94 -37.94
CA ILE A 114 -10.51 8.68 -36.73
C ILE A 114 -10.93 10.02 -36.14
N TYR A 115 -10.00 11.00 -36.11
CA TYR A 115 -10.30 12.35 -35.65
C TYR A 115 -11.50 12.94 -36.38
N ASN A 116 -11.52 12.86 -37.71
CA ASN A 116 -12.62 13.43 -38.45
C ASN A 116 -13.94 12.73 -38.12
N THR A 117 -13.91 11.42 -37.88
CA THR A 117 -15.09 10.66 -37.50
C THR A 117 -15.57 11.08 -36.11
N VAL A 118 -14.67 11.22 -35.14
CA VAL A 118 -15.07 11.34 -33.75
C VAL A 118 -15.12 12.78 -33.23
N LYS A 119 -14.55 13.78 -33.92
CA LYS A 119 -14.52 15.11 -33.35
C LYS A 119 -15.93 15.71 -33.39
N LEU A 120 -16.50 16.01 -32.22
CA LEU A 120 -17.75 16.76 -32.15
C LEU A 120 -17.47 18.26 -32.12
N ASP A 121 -16.58 18.68 -31.22
CA ASP A 121 -16.06 20.02 -31.15
C ASP A 121 -14.62 19.92 -30.66
N ASP A 122 -13.96 21.07 -30.44
CA ASP A 122 -12.55 21.05 -30.07
C ASP A 122 -12.30 20.35 -28.75
N GLU A 123 -13.30 20.22 -27.89
CA GLU A 123 -13.12 19.66 -26.57
C GLU A 123 -13.81 18.31 -26.41
N THR A 124 -14.52 17.82 -27.42
CA THR A 124 -15.47 16.74 -27.20
C THR A 124 -15.46 15.73 -28.35
N ILE A 125 -15.44 14.44 -27.99
CA ILE A 125 -15.65 13.39 -28.97
C ILE A 125 -17.15 13.13 -29.07
N ASP A 126 -17.56 12.65 -30.25
CA ASP A 126 -18.96 12.42 -30.56
C ASP A 126 -19.42 11.08 -29.98
N TYR A 127 -19.89 11.15 -28.74
CA TYR A 127 -20.31 10.02 -27.94
C TYR A 127 -21.57 9.35 -28.50
N THR A 128 -22.19 9.90 -29.54
CA THR A 128 -23.30 9.22 -30.20
C THR A 128 -22.80 8.20 -31.24
N LYS A 129 -21.51 8.20 -31.56
CA LYS A 129 -20.99 7.31 -32.58
C LYS A 129 -20.24 6.14 -31.98
N PRO A 130 -20.33 4.93 -32.60
CA PRO A 130 -19.50 3.77 -32.20
C PRO A 130 -17.99 4.02 -32.17
N ALA A 131 -17.49 4.86 -33.08
CA ALA A 131 -16.06 5.14 -33.11
C ALA A 131 -15.61 5.81 -31.81
N ALA A 132 -16.48 6.60 -31.18
CA ALA A 132 -16.11 7.25 -29.92
C ALA A 132 -15.94 6.22 -28.79
N ILE A 133 -16.83 5.25 -28.66
CA ILE A 133 -16.69 4.19 -27.66
C ILE A 133 -15.41 3.38 -27.91
N SER A 134 -15.10 3.10 -29.17
N SER A 134 -15.12 3.11 -29.18
CA SER A 134 -13.91 2.35 -29.53
CA SER A 134 -13.92 2.37 -29.54
C SER A 134 -12.64 3.11 -29.10
C SER A 134 -12.65 3.10 -29.11
N LEU A 135 -12.62 4.40 -29.38
CA LEU A 135 -11.50 5.22 -28.92
C LEU A 135 -11.36 5.15 -27.39
N ALA A 136 -12.47 5.37 -26.68
CA ALA A 136 -12.46 5.40 -25.24
C ALA A 136 -11.94 4.08 -24.66
N THR A 137 -12.43 2.95 -25.17
CA THR A 137 -12.00 1.68 -24.60
C THR A 137 -10.55 1.37 -24.99
N THR A 138 -10.10 1.78 -26.16
CA THR A 138 -8.70 1.62 -26.50
C THR A 138 -7.82 2.33 -25.47
N LEU A 139 -8.14 3.60 -25.21
CA LEU A 139 -7.32 4.37 -24.27
C LEU A 139 -7.39 3.80 -22.86
N TYR A 140 -8.60 3.46 -22.41
CA TYR A 140 -8.76 2.94 -21.06
C TYR A 140 -8.12 1.57 -20.89
N GLY A 141 -8.26 0.70 -21.89
CA GLY A 141 -7.60 -0.59 -21.79
C GLY A 141 -6.09 -0.49 -21.63
N GLU A 142 -5.49 0.49 -22.31
CA GLU A 142 -4.06 0.72 -22.17
C GLU A 142 -3.74 1.13 -20.75
N LEU A 143 -4.49 2.09 -20.21
CA LEU A 143 -4.23 2.56 -18.86
C LEU A 143 -4.52 1.52 -17.79
N ASP A 144 -5.54 0.67 -18.00
CA ASP A 144 -5.87 -0.33 -17.03
C ASP A 144 -4.67 -1.22 -16.75
N ALA A 145 -3.95 -1.58 -17.81
CA ALA A 145 -2.78 -2.43 -17.62
C ALA A 145 -1.73 -1.73 -16.76
N SER A 146 -1.49 -0.44 -17.00
CA SER A 146 -0.49 0.28 -16.23
C SER A 146 -0.90 0.46 -14.75
N PHE A 147 -2.19 0.54 -14.50
CA PHE A 147 -2.71 0.72 -13.16
C PHE A 147 -3.11 -0.58 -12.48
N ASN A 148 -2.78 -1.73 -13.06
CA ASN A 148 -3.35 -2.97 -12.61
C ASN A 148 -2.75 -3.55 -11.35
N ASN A 149 -1.46 -3.28 -11.09
CA ASN A 149 -0.78 -4.01 -10.04
C ASN A 149 -0.95 -3.36 -8.64
N GLN A 150 -2.21 -3.33 -8.23
CA GLN A 150 -2.61 -2.83 -6.92
C GLN A 150 -3.95 -3.50 -6.61
N SER A 151 -4.40 -3.36 -5.37
CA SER A 151 -5.62 -4.08 -4.99
C SER A 151 -6.90 -3.52 -5.61
N GLN A 152 -7.04 -2.21 -5.62
N GLN A 152 -7.08 -2.21 -5.54
CA GLN A 152 -8.30 -1.57 -5.98
CA GLN A 152 -8.33 -1.55 -5.93
C GLN A 152 -8.13 -0.86 -7.32
C GLN A 152 -8.14 -0.89 -7.29
N HIS A 153 -9.17 -1.01 -8.14
CA HIS A 153 -9.14 -0.61 -9.54
C HIS A 153 -10.35 0.29 -9.78
N ASP A 154 -10.13 1.56 -9.88
CA ASP A 154 -11.16 2.54 -10.19
C ASP A 154 -10.62 3.47 -11.25
N LEU A 155 -11.48 3.91 -12.19
CA LEU A 155 -11.09 4.93 -13.15
C LEU A 155 -12.24 5.92 -13.22
N MET A 156 -11.91 7.20 -13.17
CA MET A 156 -12.85 8.30 -13.35
C MET A 156 -12.94 8.61 -14.83
N LEU A 157 -14.13 8.30 -15.41
N LEU A 157 -14.13 8.30 -15.41
CA LEU A 157 -14.47 8.64 -16.78
CA LEU A 157 -14.47 8.65 -16.77
C LEU A 157 -14.87 10.13 -16.84
C LEU A 157 -14.86 10.14 -16.83
N GLY A 158 -15.53 10.62 -15.78
CA GLY A 158 -15.79 12.05 -15.66
C GLY A 158 -17.15 12.42 -16.27
N ALA A 159 -17.17 12.65 -17.57
CA ALA A 159 -18.41 13.04 -18.27
C ALA A 159 -19.02 14.32 -17.65
N ASP A 160 -18.17 15.27 -17.23
CA ASP A 160 -18.62 16.59 -16.81
C ASP A 160 -18.74 17.50 -18.03
N GLU A 161 -19.71 18.42 -17.91
CA GLU A 161 -19.84 19.53 -18.83
C GLU A 161 -19.95 19.09 -20.28
N VAL A 162 -20.77 18.06 -20.54
CA VAL A 162 -20.86 17.48 -21.87
C VAL A 162 -21.81 18.28 -22.75
N PRO A 163 -21.41 18.74 -23.95
CA PRO A 163 -22.35 19.40 -24.86
C PRO A 163 -23.35 18.39 -25.42
N GLY A 164 -24.55 18.84 -25.78
CA GLY A 164 -25.57 18.01 -26.41
C GLY A 164 -26.96 18.47 -26.03
N SER A 165 -27.96 18.11 -26.84
CA SER A 165 -29.37 18.17 -26.51
C SER A 165 -29.76 17.10 -25.50
N ALA A 166 -31.00 17.23 -24.98
CA ALA A 166 -31.57 16.18 -24.16
C ALA A 166 -31.61 14.84 -24.90
N SER A 167 -31.95 14.84 -26.18
CA SER A 167 -31.97 13.63 -27.00
C SER A 167 -30.56 13.01 -27.12
N ALA A 168 -29.54 13.85 -27.34
CA ALA A 168 -28.16 13.40 -27.38
C ALA A 168 -27.78 12.73 -26.05
N TYR A 169 -28.24 13.29 -24.92
CA TYR A 169 -27.93 12.72 -23.62
C TYR A 169 -28.40 11.29 -23.46
N ILE A 170 -29.44 10.88 -24.19
CA ILE A 170 -29.81 9.47 -24.18
C ILE A 170 -28.65 8.58 -24.66
N GLU A 171 -27.94 9.04 -25.68
CA GLU A 171 -26.78 8.34 -26.18
C GLU A 171 -25.55 8.48 -25.26
N LEU A 172 -25.49 9.54 -24.46
CA LEU A 172 -24.44 9.67 -23.47
C LEU A 172 -24.53 8.53 -22.46
N THR A 173 -25.75 8.15 -22.06
CA THR A 173 -25.93 7.05 -21.14
C THR A 173 -25.34 5.77 -21.74
N THR A 174 -25.66 5.54 -23.00
CA THR A 174 -25.18 4.35 -23.67
C THR A 174 -23.64 4.35 -23.71
N PHE A 175 -23.04 5.48 -24.06
CA PHE A 175 -21.58 5.61 -24.07
C PHE A 175 -21.01 5.25 -22.71
N ILE A 176 -21.57 5.84 -21.65
CA ILE A 176 -21.03 5.59 -20.32
C ILE A 176 -21.16 4.12 -19.94
N ASN A 177 -22.36 3.54 -20.19
CA ASN A 177 -22.54 2.15 -19.84
C ASN A 177 -21.59 1.24 -20.62
N GLN A 178 -21.44 1.48 -21.91
CA GLN A 178 -20.55 0.61 -22.70
C GLN A 178 -19.10 0.70 -22.21
N VAL A 179 -18.65 1.91 -21.88
CA VAL A 179 -17.32 2.03 -21.33
C VAL A 179 -17.20 1.37 -19.95
N SER A 180 -18.22 1.55 -19.08
CA SER A 180 -18.22 0.94 -17.77
C SER A 180 -18.15 -0.58 -17.87
N ARG A 181 -18.92 -1.16 -18.79
CA ARG A 181 -18.94 -2.61 -18.93
C ARG A 181 -17.58 -3.09 -19.44
N PHE A 182 -17.00 -2.42 -20.43
CA PHE A 182 -15.64 -2.74 -20.85
C PHE A 182 -14.69 -2.71 -19.64
N GLN A 183 -14.77 -1.65 -18.85
CA GLN A 183 -13.89 -1.53 -17.71
C GLN A 183 -14.09 -2.67 -16.72
N ASN A 184 -15.34 -3.07 -16.50
CA ASN A 184 -15.60 -4.20 -15.59
C ASN A 184 -14.96 -5.48 -16.12
N GLN A 185 -14.91 -5.66 -17.43
CA GLN A 185 -14.25 -6.82 -18.03
C GLN A 185 -12.75 -6.87 -17.71
N HIS A 186 -12.17 -5.70 -17.46
CA HIS A 186 -10.78 -5.52 -17.07
C HIS A 186 -10.59 -5.38 -15.57
N GLY A 187 -11.63 -5.63 -14.78
CA GLY A 187 -11.52 -5.57 -13.34
C GLY A 187 -11.61 -4.17 -12.74
N PHE A 188 -12.04 -3.18 -13.53
CA PHE A 188 -12.12 -1.78 -13.06
C PHE A 188 -13.56 -1.33 -12.83
N ASN A 189 -13.71 -0.60 -11.75
CA ASN A 189 -14.94 0.14 -11.45
C ASN A 189 -14.85 1.53 -12.08
N THR A 190 -16.00 2.13 -12.41
CA THR A 190 -16.06 3.41 -13.10
C THR A 190 -16.81 4.45 -12.25
N SER A 191 -16.28 5.67 -12.26
CA SER A 191 -16.91 6.86 -11.67
C SER A 191 -17.15 7.91 -12.72
N ILE A 192 -18.17 8.76 -12.43
CA ILE A 192 -18.48 9.91 -13.26
C ILE A 192 -18.89 11.07 -12.34
N TRP A 193 -18.82 12.27 -12.85
CA TRP A 193 -19.38 13.44 -12.15
C TRP A 193 -20.89 13.44 -12.31
N ASN A 194 -21.57 14.28 -11.50
CA ASN A 194 -23.05 14.29 -11.52
C ASN A 194 -23.62 15.22 -12.58
N ASP A 195 -22.92 16.22 -13.09
CA ASP A 195 -23.58 17.41 -13.61
C ASP A 195 -24.22 17.20 -14.97
N SER A 196 -23.79 16.21 -15.75
CA SER A 196 -24.40 15.96 -17.05
C SER A 196 -25.47 14.87 -16.97
N LEU A 197 -25.89 14.50 -15.76
CA LEU A 197 -26.86 13.37 -15.62
C LEU A 197 -28.27 13.89 -15.46
N LEU A 198 -29.12 13.48 -16.42
CA LEU A 198 -30.54 13.80 -16.36
C LEU A 198 -31.24 12.87 -15.39
N LYS A 199 -32.27 13.40 -14.71
CA LYS A 199 -33.15 12.59 -13.87
C LYS A 199 -33.70 11.40 -14.66
N ASN A 200 -34.12 11.68 -15.89
N ASN A 200 -34.11 11.64 -15.89
CA ASN A 200 -34.80 10.69 -16.72
CA ASN A 200 -34.82 10.58 -16.60
C ASN A 200 -33.88 9.58 -17.23
C ASN A 200 -33.88 9.62 -17.30
N GLU A 201 -32.57 9.77 -17.11
CA GLU A 201 -31.58 8.81 -17.58
C GLU A 201 -30.97 8.01 -16.45
N LEU A 202 -31.19 8.43 -15.20
CA LEU A 202 -30.38 7.93 -14.12
C LEU A 202 -30.63 6.45 -13.91
N THR A 203 -31.90 5.99 -14.05
CA THR A 203 -32.17 4.58 -13.83
C THR A 203 -31.66 3.71 -14.98
N ARG A 204 -31.30 4.31 -16.11
CA ARG A 204 -30.70 3.59 -17.24
C ARG A 204 -29.18 3.51 -17.16
N LEU A 205 -28.57 4.24 -16.24
N LEU A 205 -28.57 4.26 -16.25
CA LEU A 205 -27.14 4.21 -16.02
CA LEU A 205 -27.13 4.17 -16.01
C LEU A 205 -26.83 3.03 -15.10
C LEU A 205 -26.85 3.00 -15.10
N ASP A 206 -25.87 2.17 -15.47
CA ASP A 206 -25.58 1.01 -14.67
C ASP A 206 -25.36 1.37 -13.20
N SER A 207 -25.92 0.55 -12.30
CA SER A 207 -25.94 0.86 -10.89
C SER A 207 -24.59 0.74 -10.19
N ASN A 208 -23.61 0.14 -10.83
CA ASN A 208 -22.27 0.03 -10.27
C ASN A 208 -21.39 1.25 -10.60
N ILE A 209 -21.91 2.25 -11.27
CA ILE A 209 -21.17 3.46 -11.59
C ILE A 209 -21.30 4.43 -10.41
N THR A 210 -20.15 4.83 -9.83
CA THR A 210 -20.16 5.79 -8.73
C THR A 210 -20.30 7.20 -9.29
N ILE A 211 -21.11 8.03 -8.57
CA ILE A 211 -21.31 9.40 -9.00
C ILE A 211 -20.69 10.34 -7.98
N ASN A 212 -19.79 11.18 -8.52
CA ASN A 212 -19.06 12.21 -7.75
C ASN A 212 -19.85 13.50 -7.86
N TYR A 213 -20.37 13.92 -6.70
CA TYR A 213 -21.41 14.98 -6.65
C TYR A 213 -20.77 16.30 -6.24
N TRP A 214 -20.61 17.20 -7.20
CA TRP A 214 -19.94 18.50 -6.93
C TRP A 214 -20.93 19.65 -6.80
N SER A 215 -21.88 19.74 -7.76
CA SER A 215 -22.84 20.85 -7.77
C SER A 215 -23.97 20.42 -8.66
N GLN A 216 -25.23 20.48 -8.17
CA GLN A 216 -26.38 20.16 -9.00
C GLN A 216 -26.46 21.08 -10.20
N SER A 217 -26.06 22.33 -10.06
CA SER A 217 -26.16 23.29 -11.15
C SER A 217 -24.92 23.32 -12.04
N GLY A 218 -23.89 22.52 -11.73
CA GLY A 218 -22.59 22.67 -12.37
C GLY A 218 -21.95 24.04 -12.15
N ASN A 219 -22.15 24.59 -10.96
CA ASN A 219 -21.62 25.90 -10.62
C ASN A 219 -22.13 26.98 -11.58
N ASN A 220 -23.40 26.90 -11.94
CA ASN A 220 -24.04 27.95 -12.73
C ASN A 220 -24.76 28.92 -11.81
N THR A 221 -24.77 30.17 -12.22
CA THR A 221 -25.45 31.24 -11.49
C THR A 221 -26.62 31.80 -12.29
N ASP A 222 -26.68 31.62 -13.62
CA ASP A 222 -27.79 32.10 -14.44
C ASP A 222 -29.08 31.47 -13.95
N VAL A 223 -30.10 32.28 -13.67
CA VAL A 223 -31.27 31.75 -12.99
C VAL A 223 -32.06 30.80 -13.89
N ALA A 224 -32.01 31.01 -15.21
CA ALA A 224 -32.71 30.10 -16.12
C ALA A 224 -32.00 28.74 -16.19
N ILE A 225 -30.66 28.76 -16.18
CA ILE A 225 -29.88 27.53 -16.13
C ILE A 225 -30.16 26.78 -14.84
N ILE A 226 -30.12 27.48 -13.69
CA ILE A 226 -30.44 26.86 -12.43
C ILE A 226 -31.82 26.20 -12.50
N ALA A 227 -32.80 26.92 -12.99
CA ALA A 227 -34.15 26.36 -13.07
C ALA A 227 -34.19 25.06 -13.87
N ASP A 228 -33.52 25.08 -15.02
CA ASP A 228 -33.45 23.90 -15.84
C ASP A 228 -32.79 22.73 -15.12
N ARG A 229 -31.69 22.99 -14.42
CA ARG A 229 -30.98 21.91 -13.77
C ARG A 229 -31.73 21.39 -12.54
N TYR A 230 -32.46 22.29 -11.84
CA TYR A 230 -33.31 21.85 -10.74
C TYR A 230 -34.40 20.90 -11.23
N ALA A 231 -34.97 21.22 -12.38
CA ALA A 231 -36.07 20.41 -12.92
C ALA A 231 -35.59 19.08 -13.52
N ASN A 232 -34.37 19.09 -14.12
CA ASN A 232 -33.98 18.05 -15.07
C ASN A 232 -32.73 17.27 -14.70
N ARG A 233 -31.87 17.77 -13.81
CA ARG A 233 -30.61 17.11 -13.51
C ARG A 233 -30.68 16.49 -12.13
N VAL A 234 -29.89 15.43 -11.95
CA VAL A 234 -30.03 14.62 -10.76
C VAL A 234 -29.71 15.40 -9.49
N SER A 235 -30.50 15.15 -8.45
CA SER A 235 -30.24 15.52 -7.09
C SER A 235 -29.62 14.33 -6.35
N VAL A 236 -29.17 14.58 -5.13
CA VAL A 236 -28.71 13.50 -4.28
C VAL A 236 -29.82 12.54 -3.96
N PRO A 237 -31.05 13.01 -3.59
CA PRO A 237 -32.16 12.07 -3.41
C PRO A 237 -32.41 11.23 -4.64
N ASP A 238 -32.31 11.80 -5.83
CA ASP A 238 -32.50 10.96 -7.02
C ASP A 238 -31.52 9.79 -7.04
N ILE A 239 -30.25 10.09 -6.73
CA ILE A 239 -29.21 9.08 -6.74
C ILE A 239 -29.44 8.04 -5.65
N LEU A 240 -29.89 8.45 -4.46
CA LEU A 240 -30.21 7.48 -3.44
C LEU A 240 -31.33 6.54 -3.90
N ALA A 241 -32.35 7.09 -4.58
CA ALA A 241 -33.47 6.29 -5.05
C ALA A 241 -33.02 5.28 -6.12
N SER A 242 -32.04 5.68 -6.92
CA SER A 242 -31.58 4.85 -8.04
C SER A 242 -30.57 3.79 -7.59
N GLY A 243 -30.00 3.92 -6.40
CA GLY A 243 -29.07 2.95 -5.87
C GLY A 243 -27.64 3.08 -6.34
N HIS A 244 -27.21 4.19 -6.92
CA HIS A 244 -25.80 4.34 -7.29
C HIS A 244 -24.99 4.79 -6.10
N PRO A 245 -23.72 4.33 -6.00
CA PRO A 245 -22.80 4.89 -4.98
C PRO A 245 -22.55 6.37 -5.21
N ILE A 246 -22.29 7.10 -4.12
N ILE A 246 -22.30 7.11 -4.11
CA ILE A 246 -22.07 8.55 -4.17
CA ILE A 246 -22.05 8.54 -4.20
C ILE A 246 -20.78 8.91 -3.46
C ILE A 246 -20.76 8.90 -3.46
N VAL A 247 -20.03 9.83 -4.07
CA VAL A 247 -18.87 10.47 -3.43
C VAL A 247 -19.20 11.97 -3.32
N ASN A 248 -19.03 12.53 -2.14
CA ASN A 248 -19.31 13.96 -1.95
C ASN A 248 -18.09 14.79 -2.39
N CYS A 249 -18.30 15.61 -3.41
CA CYS A 249 -17.30 16.51 -3.98
C CYS A 249 -17.79 17.95 -3.91
N ASN A 250 -18.56 18.27 -2.84
CA ASN A 250 -19.19 19.58 -2.66
C ASN A 250 -18.27 20.68 -3.18
N SER A 251 -18.66 21.45 -4.18
CA SER A 251 -17.72 22.36 -4.82
C SER A 251 -17.38 23.56 -3.92
N TYR A 252 -18.16 23.83 -2.88
CA TYR A 252 -17.78 24.90 -1.94
C TYR A 252 -16.71 24.39 -0.98
N ALA A 253 -16.88 23.20 -0.44
CA ALA A 253 -16.09 22.72 0.69
C ALA A 253 -14.83 21.95 0.25
N THR A 254 -14.85 21.38 -0.96
CA THR A 254 -13.85 20.39 -1.34
C THR A 254 -13.05 20.81 -2.57
N TYR A 255 -13.38 21.88 -3.25
CA TYR A 255 -12.63 22.37 -4.40
C TYR A 255 -11.68 23.47 -3.98
N TYR A 256 -10.44 23.41 -4.51
CA TYR A 256 -9.51 24.53 -4.32
C TYR A 256 -8.67 24.67 -5.57
N GLN A 257 -8.33 25.89 -5.95
CA GLN A 257 -7.48 26.15 -7.10
C GLN A 257 -6.02 26.16 -6.66
N ILE A 258 -5.21 25.32 -7.29
CA ILE A 258 -3.76 25.29 -7.07
C ILE A 258 -3.17 26.69 -7.13
N LYS A 259 -3.64 27.49 -8.09
N LYS A 259 -3.64 27.51 -8.07
CA LYS A 259 -3.17 28.86 -8.28
CA LYS A 259 -3.06 28.84 -8.22
C LYS A 259 -3.16 29.65 -6.99
C LYS A 259 -3.14 29.68 -6.95
N ASN A 260 -4.11 29.37 -6.08
CA ASN A 260 -4.30 30.14 -4.85
C ASN A 260 -3.52 29.61 -3.64
N ILE A 261 -2.88 28.44 -3.75
CA ILE A 261 -2.12 27.91 -2.64
C ILE A 261 -0.98 28.87 -2.35
N GLY A 262 -0.85 29.23 -1.06
CA GLY A 262 0.14 30.18 -0.59
C GLY A 262 -0.48 31.48 -0.15
N ASN A 263 -1.77 31.69 -0.47
CA ASN A 263 -2.53 32.82 0.05
C ASN A 263 -3.02 32.45 1.43
N VAL A 264 -2.43 33.07 2.47
CA VAL A 264 -2.55 32.54 3.82
C VAL A 264 -4.02 32.51 4.24
N ASN A 265 -4.76 33.62 4.08
CA ASN A 265 -6.15 33.66 4.55
C ASN A 265 -7.03 32.65 3.84
N ASP A 266 -6.91 32.63 2.52
CA ASP A 266 -7.75 31.72 1.72
C ASP A 266 -7.44 30.26 2.03
N ASP A 267 -6.15 29.97 2.14
CA ASP A 267 -5.75 28.61 2.48
C ASP A 267 -6.30 28.25 3.86
N ASP A 268 -6.18 29.17 4.82
CA ASP A 268 -6.61 28.91 6.17
C ASP A 268 -8.11 28.65 6.23
N TYR A 269 -8.90 29.48 5.51
CA TYR A 269 -10.34 29.25 5.54
C TYR A 269 -10.66 27.87 4.94
N PHE A 270 -10.09 27.55 3.79
CA PHE A 270 -10.41 26.27 3.15
C PHE A 270 -10.11 25.13 4.10
N ILE A 271 -8.88 25.13 4.66
CA ILE A 271 -8.49 24.05 5.54
C ILE A 271 -9.34 23.98 6.81
N ASN A 272 -9.56 25.12 7.45
CA ASN A 272 -10.30 25.08 8.69
C ASN A 272 -11.79 24.67 8.44
N TYR A 273 -12.34 25.14 7.33
CA TYR A 273 -13.74 24.75 7.02
C TYR A 273 -13.79 23.26 6.73
N LEU A 274 -12.87 22.74 5.93
CA LEU A 274 -12.85 21.32 5.64
C LEU A 274 -12.70 20.51 6.92
N ASN A 275 -11.72 20.90 7.73
CA ASN A 275 -11.31 20.08 8.84
C ASN A 275 -12.26 20.13 10.02
N HIS A 276 -13.00 21.25 10.17
CA HIS A 276 -13.81 21.46 11.36
C HIS A 276 -15.29 21.72 11.12
N THR A 277 -15.67 22.23 9.96
CA THR A 277 -17.09 22.54 9.75
C THR A 277 -17.77 21.52 8.85
N PHE A 278 -17.17 21.24 7.69
CA PHE A 278 -17.81 20.35 6.70
C PHE A 278 -18.08 18.97 7.29
N ARG A 279 -19.17 18.34 6.77
CA ARG A 279 -19.49 16.97 7.16
C ARG A 279 -19.80 16.19 5.89
N PRO A 280 -19.61 14.86 5.91
CA PRO A 280 -19.72 14.10 4.67
C PRO A 280 -21.12 13.94 4.05
N ASN A 281 -22.16 14.31 4.80
CA ASN A 281 -23.53 14.24 4.28
C ASN A 281 -24.05 15.60 3.85
N ILE A 282 -23.16 16.56 3.62
CA ILE A 282 -23.55 17.91 3.25
C ILE A 282 -23.26 18.17 1.79
N PHE A 283 -24.26 18.29 0.92
CA PHE A 283 -24.08 18.35 -0.50
C PHE A 283 -24.43 19.71 -1.06
N ASN A 284 -23.98 19.97 -2.30
CA ASN A 284 -24.21 21.23 -2.98
C ASN A 284 -25.29 21.03 -4.04
N GLU A 285 -26.54 21.41 -3.67
CA GLU A 285 -27.72 21.17 -4.50
C GLU A 285 -28.52 22.46 -4.62
N ILE A 286 -29.45 22.45 -5.56
CA ILE A 286 -30.33 23.62 -5.75
C ILE A 286 -31.53 23.49 -4.83
N ASP A 287 -31.77 24.53 -4.05
CA ASP A 287 -32.90 24.53 -3.12
C ASP A 287 -34.17 25.00 -3.83
N THR A 288 -35.29 25.04 -3.07
CA THR A 288 -36.59 25.38 -3.65
C THR A 288 -36.69 26.86 -4.02
N ASN A 289 -35.77 27.69 -3.58
CA ASN A 289 -35.71 29.10 -3.96
C ASN A 289 -34.76 29.34 -5.13
N GLY A 290 -34.22 28.30 -5.73
CA GLY A 290 -33.36 28.49 -6.88
C GLY A 290 -31.97 28.95 -6.52
N HIS A 291 -31.53 28.67 -5.29
CA HIS A 291 -30.19 28.99 -4.86
C HIS A 291 -29.33 27.72 -4.91
N ASN A 292 -28.05 27.94 -5.19
CA ASN A 292 -27.05 26.92 -4.98
C ASN A 292 -26.77 26.81 -3.48
N GLN A 293 -27.30 25.81 -2.84
CA GLN A 293 -27.22 25.61 -1.42
C GLN A 293 -26.13 24.59 -1.14
N ASP A 294 -24.94 25.12 -0.86
CA ASP A 294 -23.76 24.29 -0.58
C ASP A 294 -23.87 23.57 0.77
N TRP A 295 -24.87 23.91 1.58
CA TRP A 295 -25.12 23.24 2.85
C TRP A 295 -26.47 22.55 2.77
N THR A 296 -26.58 21.50 1.93
CA THR A 296 -27.80 20.70 1.83
C THR A 296 -27.56 19.43 2.61
N ILE A 297 -28.21 19.25 3.75
CA ILE A 297 -28.05 18.07 4.56
C ILE A 297 -28.88 16.96 3.92
N GLU A 298 -28.25 15.82 3.71
CA GLU A 298 -28.94 14.66 3.14
C GLU A 298 -28.94 13.54 4.16
N ASP A 299 -30.00 13.42 4.91
CA ASP A 299 -30.12 12.49 6.01
C ASP A 299 -30.22 11.04 5.52
N GLY A 300 -30.57 10.84 4.24
CA GLY A 300 -30.65 9.52 3.67
C GLY A 300 -29.32 8.93 3.25
N VAL A 301 -28.27 9.75 3.20
CA VAL A 301 -26.94 9.30 2.86
C VAL A 301 -26.32 8.62 4.07
N THR A 302 -25.89 7.36 3.92
CA THR A 302 -25.30 6.60 5.03
C THR A 302 -23.81 6.33 4.84
N THR A 303 -23.30 6.71 3.69
CA THR A 303 -21.89 6.59 3.34
C THR A 303 -21.21 7.96 3.51
N ASN A 304 -19.87 7.96 3.50
CA ASN A 304 -19.16 9.16 3.91
C ASN A 304 -18.05 9.57 2.97
N GLY A 305 -18.02 9.02 1.75
CA GLY A 305 -16.87 9.32 0.90
C GLY A 305 -16.78 10.80 0.54
N ILE A 306 -15.54 11.34 0.60
CA ILE A 306 -15.23 12.68 0.18
C ILE A 306 -13.96 12.66 -0.68
N LEU A 307 -14.02 13.41 -1.78
CA LEU A 307 -12.81 13.70 -2.56
C LEU A 307 -12.54 15.19 -2.45
N VAL A 308 -11.27 15.57 -2.19
CA VAL A 308 -10.84 16.95 -2.29
C VAL A 308 -10.19 17.13 -3.65
N SER A 309 -10.59 18.14 -4.40
CA SER A 309 -10.14 18.38 -5.75
C SER A 309 -9.27 19.63 -5.83
N LEU A 310 -8.01 19.44 -6.31
CA LEU A 310 -7.08 20.52 -6.52
C LEU A 310 -7.00 20.79 -8.02
N TRP A 311 -7.72 21.80 -8.48
CA TRP A 311 -7.86 22.17 -9.86
C TRP A 311 -6.69 23.08 -10.28
N GLY A 312 -6.24 22.91 -11.53
CA GLY A 312 -4.92 23.42 -11.88
C GLY A 312 -4.83 24.55 -12.87
N ALA A 313 -5.91 25.18 -13.29
CA ALA A 313 -5.81 26.24 -14.29
C ALA A 313 -4.90 27.37 -13.81
N ASP A 314 -4.08 27.90 -14.72
N ASP A 314 -4.07 27.87 -14.72
CA ASP A 314 -3.32 29.12 -14.49
CA ASP A 314 -3.32 29.10 -14.51
C ASP A 314 -2.49 29.04 -13.22
C ASP A 314 -2.48 29.04 -13.24
N SER A 315 -1.76 27.94 -13.02
CA SER A 315 -1.05 27.71 -11.76
C SER A 315 0.39 27.28 -12.03
N GLU A 316 0.97 27.66 -13.18
CA GLU A 316 2.28 27.16 -13.57
C GLU A 316 3.41 27.42 -12.54
N HIS A 317 3.32 28.50 -11.79
CA HIS A 317 4.42 28.86 -10.92
C HIS A 317 4.30 28.31 -9.51
N VAL A 318 3.17 27.66 -9.17
CA VAL A 318 3.01 27.06 -7.87
C VAL A 318 3.90 25.82 -7.78
N THR A 319 4.68 25.71 -6.71
CA THR A 319 5.67 24.64 -6.64
C THR A 319 5.06 23.34 -6.14
N PRO A 320 5.73 22.19 -6.43
CA PRO A 320 5.30 20.92 -5.83
C PRO A 320 5.32 20.97 -4.30
N THR A 321 6.33 21.64 -3.70
CA THR A 321 6.38 21.73 -2.26
C THR A 321 5.12 22.42 -1.73
N ALA A 322 4.69 23.49 -2.39
CA ALA A 322 3.48 24.19 -1.92
C ALA A 322 2.24 23.27 -1.98
N ILE A 323 2.11 22.51 -3.06
CA ILE A 323 0.98 21.60 -3.22
C ILE A 323 1.00 20.56 -2.12
N VAL A 324 2.17 19.92 -1.93
CA VAL A 324 2.32 18.87 -0.94
C VAL A 324 2.01 19.38 0.47
N ASN A 325 2.54 20.56 0.81
CA ASN A 325 2.34 21.08 2.14
C ASN A 325 0.87 21.44 2.40
N PHE A 326 0.17 21.85 1.33
CA PHE A 326 -1.27 22.11 1.46
C PHE A 326 -2.06 20.82 1.76
N ILE A 327 -1.73 19.73 1.05
CA ILE A 327 -2.32 18.43 1.31
C ILE A 327 -2.06 17.98 2.74
N LYS A 328 -0.81 18.23 3.22
CA LYS A 328 -0.49 17.84 4.57
C LYS A 328 -1.33 18.53 5.64
N ARG A 329 -2.02 19.63 5.29
CA ARG A 329 -2.90 20.29 6.25
C ARG A 329 -4.27 19.65 6.36
N MET A 330 -4.65 18.76 5.41
CA MET A 330 -6.02 18.30 5.27
C MET A 330 -6.28 17.14 6.21
N THR A 331 -7.39 17.22 6.98
N THR A 331 -7.42 17.24 6.92
CA THR A 331 -7.91 16.09 7.73
CA THR A 331 -7.95 16.17 7.75
C THR A 331 -9.38 15.97 7.34
C THR A 331 -9.40 15.99 7.34
N ILE A 332 -9.63 15.22 6.27
CA ILE A 332 -10.96 15.09 5.70
C ILE A 332 -11.88 14.45 6.73
N PRO A 333 -13.07 15.03 6.97
CA PRO A 333 -13.93 14.52 8.01
C PRO A 333 -14.55 13.19 7.62
N ARG A 334 -14.68 12.32 8.59
CA ARG A 334 -15.25 10.99 8.36
C ARG A 334 -16.58 10.78 9.03
N SER A 335 -16.92 11.57 10.05
CA SER A 335 -18.15 11.38 10.81
C SER A 335 -19.16 12.48 10.42
N PHE A 336 -20.44 12.10 10.41
CA PHE A 336 -21.53 13.05 10.23
C PHE A 336 -21.68 13.99 11.42
N HIS B 1 16.39 -29.88 33.36
CA HIS B 1 17.08 -28.89 34.25
C HIS B 1 18.13 -28.06 33.50
N HIS B 2 18.98 -28.72 32.70
CA HIS B 2 19.99 -28.05 31.90
C HIS B 2 19.32 -27.35 30.72
N HIS B 3 19.84 -26.15 30.37
CA HIS B 3 19.43 -25.39 29.19
C HIS B 3 17.98 -24.98 29.35
N PRO B 4 17.58 -24.34 30.49
CA PRO B 4 16.18 -23.97 30.66
C PRO B 4 15.77 -22.92 29.63
N ARG B 5 14.50 -22.95 29.21
CA ARG B 5 13.95 -21.93 28.34
C ARG B 5 13.14 -21.00 29.25
N ASN B 6 13.58 -19.74 29.35
CA ASN B 6 12.76 -18.70 29.95
C ASN B 6 11.88 -18.15 28.83
N SER B 7 10.67 -17.70 29.17
N SER B 7 10.66 -17.69 29.17
CA SER B 7 9.78 -17.12 28.19
CA SER B 7 9.74 -17.14 28.17
C SER B 7 10.53 -16.03 27.42
C SER B 7 10.40 -15.98 27.44
N SER B 8 10.23 -15.91 26.12
CA SER B 8 10.75 -14.83 25.31
C SER B 8 10.26 -13.48 25.84
N THR B 9 11.06 -12.44 25.63
CA THR B 9 10.65 -11.06 25.87
C THR B 9 10.49 -10.30 24.56
N LEU B 10 10.60 -10.98 23.38
CA LEU B 10 10.54 -10.22 22.12
C LEU B 10 9.19 -9.52 21.97
N ASN B 11 8.11 -10.09 22.50
CA ASN B 11 6.77 -9.47 22.42
C ASN B 11 6.66 -8.16 23.19
N THR B 12 7.66 -7.80 24.04
CA THR B 12 7.67 -6.51 24.73
C THR B 12 8.93 -5.72 24.47
N SER B 13 9.61 -6.03 23.35
CA SER B 13 10.90 -5.46 23.05
C SER B 13 10.88 -4.76 21.70
N GLN B 14 11.91 -3.94 21.51
CA GLN B 14 12.14 -3.20 20.29
C GLN B 14 13.43 -3.74 19.69
N GLY B 15 13.38 -4.09 18.41
CA GLY B 15 14.57 -4.61 17.73
C GLY B 15 14.58 -4.27 16.26
N VAL B 16 15.72 -4.61 15.65
CA VAL B 16 15.92 -4.42 14.23
C VAL B 16 16.46 -5.72 13.63
N MET B 17 16.00 -6.02 12.42
CA MET B 17 16.42 -7.23 11.70
C MET B 17 17.20 -6.81 10.45
N LEU B 18 18.38 -7.47 10.29
CA LEU B 18 19.24 -7.30 9.13
C LEU B 18 19.09 -8.51 8.21
N ASP B 19 18.76 -8.23 6.96
CA ASP B 19 18.60 -9.28 5.96
C ASP B 19 19.96 -9.59 5.31
N LEU B 20 20.77 -10.39 6.04
CA LEU B 20 22.07 -10.82 5.55
C LEU B 20 21.92 -11.81 4.41
N GLY B 21 20.79 -12.55 4.39
CA GLY B 21 20.58 -13.51 3.32
C GLY B 21 20.48 -12.85 1.95
N ARG B 22 20.12 -11.56 1.91
CA ARG B 22 20.13 -10.81 0.67
C ARG B 22 21.29 -9.81 0.59
N HIS B 23 21.72 -9.26 1.73
CA HIS B 23 22.78 -8.26 1.80
C HIS B 23 23.76 -8.69 2.87
N PRO B 24 24.75 -9.53 2.50
CA PRO B 24 25.73 -9.98 3.47
C PRO B 24 26.55 -8.84 4.06
N LEU B 25 26.92 -9.01 5.33
CA LEU B 25 27.73 -8.02 6.05
C LEU B 25 28.78 -8.78 6.85
N ASP B 26 29.92 -8.10 7.06
CA ASP B 26 30.99 -8.68 7.86
C ASP B 26 30.86 -8.30 9.33
N GLU B 27 31.76 -8.87 10.14
CA GLU B 27 31.71 -8.71 11.58
C GLU B 27 31.76 -7.24 11.99
N THR B 28 32.65 -6.48 11.35
CA THR B 28 32.79 -5.07 11.67
C THR B 28 31.47 -4.32 11.46
N ALA B 29 30.85 -4.54 10.30
CA ALA B 29 29.58 -3.90 9.98
C ALA B 29 28.49 -4.33 10.98
N ILE B 30 28.42 -5.63 11.31
CA ILE B 30 27.37 -6.08 12.23
C ILE B 30 27.59 -5.48 13.62
N LYS B 31 28.85 -5.40 14.08
CA LYS B 31 29.11 -4.76 15.35
C LYS B 31 28.66 -3.29 15.34
N ALA B 32 28.88 -2.59 14.23
CA ALA B 32 28.41 -1.22 14.10
C ALA B 32 26.89 -1.12 14.20
N VAL B 33 26.15 -2.08 13.62
CA VAL B 33 24.71 -2.15 13.77
C VAL B 33 24.33 -2.39 15.22
N ILE B 34 24.96 -3.34 15.89
CA ILE B 34 24.70 -3.64 17.28
C ILE B 34 24.90 -2.37 18.13
N SER B 35 26.00 -1.66 17.89
CA SER B 35 26.26 -0.42 18.60
C SER B 35 25.17 0.63 18.34
N ALA B 36 24.75 0.78 17.07
CA ALA B 36 23.67 1.71 16.75
C ALA B 36 22.37 1.33 17.45
N ALA B 37 22.04 0.03 17.47
CA ALA B 37 20.84 -0.44 18.15
C ALA B 37 20.88 -0.09 19.63
N ALA B 38 22.04 -0.31 20.27
CA ALA B 38 22.22 0.05 21.67
C ALA B 38 22.08 1.57 21.87
N GLU B 39 22.66 2.39 20.99
CA GLU B 39 22.56 3.85 21.11
C GLU B 39 21.11 4.32 21.02
N GLN B 40 20.30 3.61 20.21
CA GLN B 40 18.89 3.96 20.04
C GLN B 40 18.00 3.22 21.03
N HIS B 41 18.57 2.55 22.04
CA HIS B 41 17.83 1.94 23.13
C HIS B 41 16.96 0.78 22.66
N MET B 42 17.38 0.11 21.59
CA MET B 42 16.74 -1.14 21.23
C MET B 42 17.29 -2.24 22.14
N GLN B 43 16.58 -3.38 22.19
CA GLN B 43 17.03 -4.48 23.02
C GLN B 43 17.62 -5.63 22.21
N TYR B 44 17.36 -5.71 20.90
CA TYR B 44 17.86 -6.87 20.16
C TYR B 44 18.11 -6.51 18.71
N VAL B 45 19.02 -7.31 18.12
CA VAL B 45 19.28 -7.31 16.70
C VAL B 45 19.08 -8.74 16.24
N GLU B 46 18.29 -8.85 15.18
CA GLU B 46 17.94 -10.14 14.58
C GLU B 46 18.72 -10.28 13.29
N LEU B 47 19.52 -11.36 13.18
CA LEU B 47 20.34 -11.62 12.01
C LEU B 47 19.67 -12.69 11.14
N HIS B 48 19.10 -12.26 10.03
CA HIS B 48 18.48 -13.18 9.05
C HIS B 48 19.65 -13.70 8.22
N LEU B 49 20.15 -14.88 8.60
CA LEU B 49 21.45 -15.40 8.17
C LEU B 49 21.40 -16.14 6.85
N SER B 50 20.20 -16.43 6.35
CA SER B 50 20.10 -17.20 5.11
C SER B 50 18.80 -16.88 4.43
N ASP B 51 18.81 -16.98 3.10
CA ASP B 51 17.58 -16.86 2.32
C ASP B 51 17.82 -17.62 1.02
N ASN B 52 17.12 -17.26 -0.03
CA ASN B 52 17.34 -17.89 -1.32
C ASN B 52 18.69 -17.52 -1.91
N GLU B 53 19.13 -16.30 -1.65
CA GLU B 53 20.26 -15.71 -2.35
C GLU B 53 21.60 -16.11 -1.72
N HIS B 54 21.71 -16.00 -0.40
CA HIS B 54 22.97 -16.24 0.30
C HIS B 54 22.74 -17.09 1.55
N LEU B 55 23.76 -17.90 1.84
CA LEU B 55 23.91 -18.65 3.07
C LEU B 55 25.05 -18.03 3.86
N CYS B 56 24.74 -17.31 4.95
CA CYS B 56 25.72 -16.47 5.65
C CYS B 56 26.09 -17.01 7.01
N PHE B 57 25.89 -18.30 7.25
CA PHE B 57 26.44 -18.96 8.42
C PHE B 57 27.15 -20.22 7.94
N GLN B 58 28.32 -20.50 8.53
CA GLN B 58 29.00 -21.76 8.32
C GLN B 58 28.32 -22.85 9.15
N SER B 59 28.07 -24.00 8.50
CA SER B 59 27.50 -25.18 9.14
C SER B 59 28.47 -26.34 8.91
N ALA B 60 28.82 -26.99 10.02
CA ALA B 60 29.67 -28.17 9.93
C ALA B 60 28.99 -29.24 9.06
N TYR B 61 27.69 -29.46 9.31
CA TYR B 61 26.95 -30.42 8.52
C TYR B 61 26.94 -30.07 7.03
N LEU B 62 26.63 -28.81 6.70
CA LEU B 62 26.51 -28.45 5.29
C LEU B 62 27.85 -28.43 4.58
N GLY B 63 28.94 -28.20 5.32
CA GLY B 63 30.27 -28.25 4.73
C GLY B 63 30.67 -27.01 3.94
N ASN B 64 30.00 -25.88 4.17
CA ASN B 64 30.37 -24.66 3.48
C ASN B 64 31.59 -24.01 4.13
N ALA B 65 32.32 -23.24 3.35
CA ALA B 65 33.49 -22.52 3.81
C ALA B 65 33.09 -21.18 4.44
N ALA B 66 33.80 -20.81 5.49
CA ALA B 66 33.64 -19.51 6.15
C ALA B 66 34.39 -18.41 5.41
N SER B 67 33.93 -17.18 5.66
CA SER B 67 34.55 -15.99 5.11
C SER B 67 34.18 -14.79 5.97
N ALA B 68 34.46 -13.59 5.51
CA ALA B 68 34.03 -12.38 6.23
C ALA B 68 32.50 -12.33 6.37
N THR B 69 31.80 -12.84 5.34
CA THR B 69 30.34 -12.73 5.34
C THR B 69 29.64 -14.07 5.48
N VAL B 70 30.35 -15.22 5.39
CA VAL B 70 29.80 -16.51 5.78
C VAL B 70 30.33 -16.81 7.16
N LEU B 71 29.53 -16.48 8.17
CA LEU B 71 30.04 -16.30 9.52
C LEU B 71 30.33 -17.64 10.18
N SER B 72 31.60 -17.83 10.58
CA SER B 72 32.00 -19.01 11.31
C SER B 72 31.44 -19.03 12.72
N ALA B 73 31.53 -20.18 13.38
CA ALA B 73 31.09 -20.25 14.76
C ALA B 73 31.88 -19.24 15.61
N THR B 74 33.19 -19.11 15.38
CA THR B 74 34.02 -18.16 16.11
C THR B 74 33.54 -16.73 15.88
N THR B 75 33.25 -16.36 14.64
CA THR B 75 32.76 -15.02 14.37
C THR B 75 31.43 -14.77 15.08
N LEU B 76 30.51 -15.73 15.01
CA LEU B 76 29.23 -15.60 15.68
C LEU B 76 29.40 -15.48 17.20
N GLU B 77 30.28 -16.29 17.80
CA GLU B 77 30.51 -16.19 19.23
C GLU B 77 31.07 -14.82 19.60
N GLN B 78 31.93 -14.27 18.75
CA GLN B 78 32.44 -12.92 19.00
C GLN B 78 31.34 -11.88 18.92
N LEU B 79 30.44 -11.99 17.96
CA LEU B 79 29.34 -11.05 17.83
C LEU B 79 28.45 -11.12 19.07
N VAL B 80 28.15 -12.34 19.53
CA VAL B 80 27.33 -12.54 20.72
C VAL B 80 28.01 -11.92 21.93
N ALA B 81 29.32 -12.12 22.10
CA ALA B 81 29.99 -11.55 23.24
C ALA B 81 29.91 -10.02 23.19
N TYR B 82 30.07 -9.44 22.01
CA TYR B 82 30.00 -8.00 21.83
C TYR B 82 28.63 -7.48 22.21
N ALA B 83 27.59 -8.10 21.66
CA ALA B 83 26.21 -7.76 21.95
C ALA B 83 25.95 -7.88 23.45
N ASN B 84 26.42 -8.97 24.06
CA ASN B 84 26.22 -9.21 25.48
C ASN B 84 26.81 -8.07 26.30
N GLN B 85 28.01 -7.57 25.90
N GLN B 85 28.01 -7.60 25.95
CA GLN B 85 28.65 -6.50 26.64
CA GLN B 85 28.62 -6.51 26.69
C GLN B 85 27.82 -5.21 26.58
C GLN B 85 27.73 -5.26 26.65
N LEU B 86 27.05 -5.03 25.51
CA LEU B 86 26.16 -3.89 25.31
C LEU B 86 24.71 -4.16 25.74
N ASN B 87 24.42 -5.31 26.37
CA ASN B 87 23.08 -5.68 26.80
C ASN B 87 22.12 -5.71 25.61
N ILE B 88 22.58 -6.22 24.46
CA ILE B 88 21.76 -6.38 23.28
C ILE B 88 21.66 -7.89 23.08
N GLU B 89 20.44 -8.41 22.89
CA GLU B 89 20.27 -9.79 22.50
C GLU B 89 20.52 -9.97 21.00
N LEU B 90 21.27 -11.01 20.62
CA LEU B 90 21.44 -11.33 19.22
C LEU B 90 20.55 -12.53 18.90
N VAL B 91 19.65 -12.33 17.94
CA VAL B 91 18.64 -13.31 17.61
C VAL B 91 18.96 -13.93 16.25
N PRO B 92 19.41 -15.20 16.18
CA PRO B 92 19.58 -15.84 14.88
C PRO B 92 18.22 -16.04 14.22
N ASP B 93 18.23 -15.99 12.90
CA ASP B 93 17.04 -16.11 12.08
C ASP B 93 17.44 -16.85 10.83
N VAL B 94 16.92 -18.09 10.69
CA VAL B 94 17.30 -18.99 9.63
C VAL B 94 16.03 -19.59 9.09
N ASP B 95 15.64 -19.09 7.92
CA ASP B 95 14.29 -19.37 7.44
C ASP B 95 14.17 -20.80 6.96
N LEU B 96 13.11 -21.44 7.48
CA LEU B 96 12.69 -22.73 6.96
C LEU B 96 11.17 -22.78 7.09
N PRO B 97 10.48 -23.60 6.28
CA PRO B 97 11.03 -24.44 5.24
C PRO B 97 11.26 -23.79 3.90
N SER B 98 10.69 -22.61 3.67
CA SER B 98 10.92 -21.88 2.44
C SER B 98 11.98 -20.80 2.68
N HIS B 99 12.21 -20.00 1.64
CA HIS B 99 13.30 -19.05 1.68
C HIS B 99 14.61 -19.75 2.05
N ALA B 100 14.77 -20.97 1.48
CA ALA B 100 15.86 -21.87 1.86
C ALA B 100 16.72 -22.22 0.64
N GLY B 101 16.68 -21.42 -0.42
CA GLY B 101 17.40 -21.77 -1.63
C GLY B 101 18.89 -21.94 -1.44
N ALA B 102 19.54 -21.08 -0.65
CA ALA B 102 20.98 -21.18 -0.49
C ALA B 102 21.34 -22.41 0.32
N ILE B 103 20.59 -22.75 1.35
CA ILE B 103 20.80 -24.00 2.06
C ILE B 103 20.68 -25.18 1.10
N LEU B 104 19.64 -25.20 0.26
CA LEU B 104 19.50 -26.33 -0.66
C LEU B 104 20.66 -26.42 -1.64
N ARG B 105 21.12 -25.30 -2.20
CA ARG B 105 22.26 -25.38 -3.11
C ARG B 105 23.49 -25.96 -2.42
N GLN B 106 23.71 -25.65 -1.16
CA GLN B 106 24.85 -26.18 -0.45
C GLN B 106 24.65 -27.66 -0.14
N LEU B 107 23.42 -28.04 0.23
CA LEU B 107 23.10 -29.41 0.56
C LEU B 107 23.33 -30.31 -0.65
N GLN B 108 23.07 -29.81 -1.86
CA GLN B 108 23.30 -30.57 -3.08
C GLN B 108 24.77 -30.95 -3.20
N GLN B 109 25.67 -30.06 -2.78
CA GLN B 109 27.11 -30.28 -2.90
C GLN B 109 27.64 -31.35 -1.95
N THR B 110 27.11 -31.46 -0.75
CA THR B 110 27.70 -32.26 0.32
C THR B 110 26.82 -33.43 0.77
N HIS B 111 25.51 -33.40 0.50
CA HIS B 111 24.61 -34.45 0.95
C HIS B 111 23.60 -34.80 -0.15
N PRO B 112 24.06 -35.44 -1.24
CA PRO B 112 23.26 -35.62 -2.45
C PRO B 112 21.91 -36.27 -2.19
N ASP B 113 21.91 -37.31 -1.35
CA ASP B 113 20.67 -38.01 -1.10
C ASP B 113 19.69 -37.19 -0.29
N ILE B 114 20.19 -36.47 0.70
CA ILE B 114 19.32 -35.62 1.51
C ILE B 114 18.69 -34.58 0.61
N TYR B 115 19.49 -33.93 -0.25
CA TYR B 115 18.98 -32.97 -1.21
C TYR B 115 17.84 -33.55 -2.05
N ASN B 116 18.07 -34.72 -2.65
CA ASN B 116 17.03 -35.28 -3.51
C ASN B 116 15.77 -35.64 -2.73
N THR B 117 15.91 -36.06 -1.46
CA THR B 117 14.80 -36.37 -0.62
C THR B 117 14.04 -35.12 -0.21
N VAL B 118 14.76 -34.05 0.15
N VAL B 118 14.73 -34.07 0.26
CA VAL B 118 14.15 -32.96 0.90
CA VAL B 118 14.06 -32.95 0.91
C VAL B 118 13.82 -31.76 -0.01
C VAL B 118 13.65 -31.86 -0.06
N LYS B 119 14.25 -31.75 -1.26
CA LYS B 119 13.95 -30.63 -2.12
C LYS B 119 12.48 -30.67 -2.55
N LEU B 120 11.67 -29.70 -2.13
CA LEU B 120 10.33 -29.53 -2.66
C LEU B 120 10.35 -28.69 -3.94
N ASP B 121 11.00 -27.53 -3.85
CA ASP B 121 11.24 -26.68 -5.00
C ASP B 121 12.57 -25.98 -4.74
N ASP B 122 13.00 -25.10 -5.64
CA ASP B 122 14.32 -24.49 -5.52
C ASP B 122 14.46 -23.64 -4.27
N GLU B 123 13.35 -23.22 -3.67
CA GLU B 123 13.38 -22.37 -2.50
C GLU B 123 12.95 -23.07 -1.21
N THR B 124 12.50 -24.33 -1.30
CA THR B 124 11.73 -24.89 -0.20
C THR B 124 12.12 -26.34 0.09
N ILE B 125 12.35 -26.64 1.38
CA ILE B 125 12.50 -28.03 1.79
C ILE B 125 11.11 -28.63 2.04
N ASP B 126 10.99 -29.93 1.80
CA ASP B 126 9.71 -30.63 1.86
C ASP B 126 9.37 -30.99 3.30
N TYR B 127 8.66 -30.07 3.94
CA TYR B 127 8.23 -30.17 5.33
C TYR B 127 7.18 -31.26 5.55
N THR B 128 6.72 -31.92 4.48
CA THR B 128 5.88 -33.10 4.63
C THR B 128 6.70 -34.38 4.83
N LYS B 129 8.03 -34.30 4.73
CA LYS B 129 8.86 -35.49 4.88
C LYS B 129 9.61 -35.47 6.22
N PRO B 130 9.93 -36.65 6.83
CA PRO B 130 10.82 -36.64 8.05
C PRO B 130 12.17 -35.97 8.00
N ALA B 131 12.74 -36.11 6.82
CA ALA B 131 14.06 -35.57 6.61
C ALA B 131 14.09 -34.06 6.85
N ALA B 132 12.97 -33.36 6.62
CA ALA B 132 12.95 -31.91 6.85
C ALA B 132 13.22 -31.52 8.31
N ILE B 133 12.57 -32.19 9.27
CA ILE B 133 12.78 -31.86 10.67
C ILE B 133 14.21 -32.20 11.06
N SER B 134 14.74 -33.34 10.58
CA SER B 134 16.12 -33.72 10.87
C SER B 134 17.10 -32.64 10.42
N LEU B 135 16.95 -32.18 9.16
CA LEU B 135 17.80 -31.11 8.65
C LEU B 135 17.67 -29.89 9.53
N ALA B 136 16.44 -29.43 9.81
CA ALA B 136 16.25 -28.21 10.57
C ALA B 136 16.90 -28.30 11.94
N THR B 137 16.71 -29.38 12.68
CA THR B 137 17.24 -29.46 14.03
C THR B 137 18.77 -29.61 14.00
N THR B 138 19.30 -30.29 12.96
CA THR B 138 20.74 -30.32 12.83
C THR B 138 21.31 -28.90 12.71
N LEU B 139 20.72 -28.12 11.81
CA LEU B 139 21.24 -26.76 11.58
C LEU B 139 21.03 -25.90 12.82
N TYR B 140 19.83 -25.96 13.40
CA TYR B 140 19.58 -25.10 14.55
C TYR B 140 20.39 -25.48 15.77
N GLY B 141 20.60 -26.78 15.99
CA GLY B 141 21.41 -27.20 17.12
C GLY B 141 22.82 -26.63 17.04
N GLU B 142 23.39 -26.60 15.82
CA GLU B 142 24.70 -26.04 15.58
C GLU B 142 24.69 -24.56 15.95
N LEU B 143 23.68 -23.81 15.49
CA LEU B 143 23.62 -22.39 15.73
C LEU B 143 23.37 -22.07 17.21
N ASP B 144 22.52 -22.88 17.87
CA ASP B 144 22.18 -22.66 19.26
C ASP B 144 23.46 -22.55 20.09
N ALA B 145 24.42 -23.46 19.80
CA ALA B 145 25.67 -23.44 20.56
C ALA B 145 26.42 -22.12 20.36
N SER B 146 26.46 -21.62 19.12
CA SER B 146 27.16 -20.39 18.81
C SER B 146 26.50 -19.16 19.43
N PHE B 147 25.17 -19.20 19.60
CA PHE B 147 24.42 -18.10 20.14
C PHE B 147 24.10 -18.27 21.63
N ASN B 148 24.71 -19.24 22.31
CA ASN B 148 24.27 -19.57 23.65
C ASN B 148 24.76 -18.63 24.77
N ASN B 149 25.89 -17.93 24.59
CA ASN B 149 26.55 -17.26 25.71
C ASN B 149 26.03 -15.83 25.87
N GLN B 150 24.74 -15.74 26.12
CA GLN B 150 24.02 -14.50 26.35
C GLN B 150 22.79 -14.81 27.21
N SER B 151 22.14 -13.76 27.71
CA SER B 151 21.03 -13.95 28.65
C SER B 151 19.76 -14.49 28.00
N GLN B 152 19.41 -14.02 26.81
CA GLN B 152 18.17 -14.41 26.16
C GLN B 152 18.44 -15.23 24.92
N HIS B 153 17.57 -16.23 24.69
CA HIS B 153 17.77 -17.21 23.62
C HIS B 153 16.51 -17.32 22.76
N ASP B 154 16.59 -16.71 21.59
CA ASP B 154 15.47 -16.76 20.64
C ASP B 154 16.04 -17.09 19.27
N LEU B 155 15.30 -17.91 18.49
CA LEU B 155 15.66 -18.12 17.10
C LEU B 155 14.41 -18.03 16.24
N MET B 156 14.48 -17.26 15.18
CA MET B 156 13.38 -17.09 14.24
C MET B 156 13.48 -18.21 13.19
N LEU B 157 12.48 -19.12 13.22
N LEU B 157 12.47 -19.10 13.24
CA LEU B 157 12.30 -20.17 12.24
CA LEU B 157 12.31 -20.17 12.26
C LEU B 157 11.68 -19.59 10.96
C LEU B 157 11.68 -19.60 10.99
N GLY B 158 10.77 -18.64 11.13
CA GLY B 158 10.25 -17.90 9.99
C GLY B 158 8.96 -18.52 9.43
N ALA B 159 9.10 -19.51 8.56
CA ALA B 159 7.96 -20.17 7.94
C ALA B 159 7.05 -19.17 7.24
N ASP B 160 7.64 -18.16 6.59
CA ASP B 160 6.89 -17.26 5.73
C ASP B 160 6.82 -17.83 4.31
N GLU B 161 5.70 -17.52 3.64
CA GLU B 161 5.56 -17.71 2.21
C GLU B 161 5.74 -19.16 1.82
N VAL B 162 5.17 -20.07 2.59
CA VAL B 162 5.43 -21.49 2.37
C VAL B 162 4.54 -22.05 1.26
N PRO B 163 5.08 -22.63 0.18
CA PRO B 163 4.24 -23.27 -0.82
C PRO B 163 3.58 -24.53 -0.26
N GLY B 164 2.41 -24.87 -0.82
CA GLY B 164 1.81 -26.15 -0.53
C GLY B 164 0.30 -26.00 -0.42
N SER B 165 -0.35 -27.16 -0.43
CA SER B 165 -1.80 -27.25 -0.30
C SER B 165 -2.27 -27.10 1.14
N ALA B 166 -3.60 -26.98 1.31
CA ALA B 166 -4.22 -27.02 2.63
C ALA B 166 -3.81 -28.28 3.40
N SER B 167 -3.83 -29.44 2.72
CA SER B 167 -3.44 -30.71 3.32
C SER B 167 -1.97 -30.68 3.76
N ALA B 168 -1.07 -30.16 2.90
CA ALA B 168 0.34 -30.06 3.24
C ALA B 168 0.51 -29.18 4.48
N TYR B 169 -0.30 -28.12 4.62
CA TYR B 169 -0.14 -27.21 5.74
C TYR B 169 -0.44 -27.88 7.09
N ILE B 170 -1.19 -28.99 7.10
CA ILE B 170 -1.32 -29.78 8.33
C ILE B 170 0.07 -30.22 8.80
N GLU B 171 0.93 -30.65 7.86
CA GLU B 171 2.28 -31.09 8.17
C GLU B 171 3.19 -29.91 8.48
N LEU B 172 2.88 -28.72 7.98
CA LEU B 172 3.67 -27.56 8.36
C LEU B 172 3.58 -27.32 9.88
N THR B 173 2.39 -27.50 10.45
CA THR B 173 2.21 -27.35 11.89
C THR B 173 3.15 -28.32 12.62
N THR B 174 3.12 -29.58 12.16
CA THR B 174 3.98 -30.60 12.75
C THR B 174 5.45 -30.20 12.70
N PHE B 175 5.88 -29.78 11.51
CA PHE B 175 7.23 -29.32 11.32
C PHE B 175 7.59 -28.25 12.37
N ILE B 176 6.78 -27.20 12.43
CA ILE B 176 7.08 -26.09 13.33
C ILE B 176 7.13 -26.55 14.77
N ASN B 177 6.14 -27.34 15.20
CA ASN B 177 6.09 -27.81 16.57
C ASN B 177 7.33 -28.65 16.90
N GLN B 178 7.66 -29.59 16.03
CA GLN B 178 8.78 -30.48 16.33
C GLN B 178 10.09 -29.70 16.43
N VAL B 179 10.28 -28.71 15.57
CA VAL B 179 11.47 -27.90 15.64
C VAL B 179 11.44 -27.07 16.92
N SER B 180 10.28 -26.48 17.28
CA SER B 180 10.17 -25.69 18.50
C SER B 180 10.46 -26.50 19.77
N ARG B 181 10.01 -27.75 19.78
CA ARG B 181 10.23 -28.63 20.92
C ARG B 181 11.72 -28.96 21.05
N PHE B 182 12.41 -29.24 19.92
CA PHE B 182 13.85 -29.43 19.93
C PHE B 182 14.51 -28.18 20.50
N GLN B 183 14.13 -27.01 20.00
CA GLN B 183 14.74 -25.77 20.44
C GLN B 183 14.54 -25.56 21.95
N ASN B 184 13.34 -25.85 22.44
CA ASN B 184 13.06 -25.74 23.86
C ASN B 184 14.00 -26.61 24.70
N GLN B 185 14.28 -27.82 24.24
CA GLN B 185 15.23 -28.67 24.93
C GLN B 185 16.63 -28.08 24.98
N HIS B 186 16.96 -27.19 24.03
CA HIS B 186 18.23 -26.49 23.96
C HIS B 186 18.19 -25.08 24.58
N GLY B 187 17.09 -24.76 25.29
CA GLY B 187 16.93 -23.49 25.99
C GLY B 187 16.62 -22.32 25.09
N PHE B 188 16.12 -22.55 23.87
CA PHE B 188 15.81 -21.50 22.92
C PHE B 188 14.30 -21.40 22.73
N ASN B 189 13.86 -20.16 22.66
CA ASN B 189 12.50 -19.85 22.23
C ASN B 189 12.46 -19.78 20.71
N THR B 190 11.26 -19.98 20.15
CA THR B 190 11.05 -19.99 18.72
C THR B 190 10.03 -18.91 18.33
N SER B 191 10.31 -18.19 17.23
CA SER B 191 9.43 -17.26 16.56
C SER B 191 9.17 -17.74 15.14
N ILE B 192 7.97 -17.35 14.63
CA ILE B 192 7.61 -17.55 13.24
C ILE B 192 6.87 -16.31 12.75
N TRP B 193 6.78 -16.15 11.45
CA TRP B 193 5.92 -15.15 10.86
C TRP B 193 4.47 -15.66 10.83
N ASN B 194 3.52 -14.74 10.60
CA ASN B 194 2.09 -15.09 10.65
C ASN B 194 1.52 -15.66 9.37
N ASP B 195 2.12 -15.41 8.21
CA ASP B 195 1.35 -15.43 6.97
C ASP B 195 0.98 -16.82 6.46
N SER B 196 1.69 -17.85 6.87
CA SER B 196 1.39 -19.22 6.44
C SER B 196 0.59 -19.98 7.48
N LEU B 197 -0.01 -19.28 8.45
CA LEU B 197 -0.73 -19.90 9.55
C LEU B 197 -2.22 -19.89 9.26
N LEU B 198 -2.80 -21.08 9.13
CA LEU B 198 -4.25 -21.22 8.99
C LEU B 198 -4.94 -21.05 10.33
N LYS B 199 -6.13 -20.43 10.30
CA LYS B 199 -6.95 -20.33 11.49
C LYS B 199 -7.21 -21.70 12.12
N ASN B 200 -7.46 -22.71 11.29
CA ASN B 200 -7.85 -23.99 11.85
C ASN B 200 -6.68 -24.82 12.39
N GLU B 201 -5.45 -24.33 12.22
CA GLU B 201 -4.25 -24.98 12.73
C GLU B 201 -3.69 -24.26 13.95
N LEU B 202 -4.18 -23.04 14.24
CA LEU B 202 -3.43 -22.18 15.14
C LEU B 202 -3.47 -22.77 16.53
N THR B 203 -4.62 -23.35 16.96
CA THR B 203 -4.67 -23.88 18.31
C THR B 203 -3.82 -25.15 18.46
N ARG B 204 -3.38 -25.77 17.35
CA ARG B 204 -2.47 -26.90 17.38
C ARG B 204 -0.97 -26.48 17.45
N LEU B 205 -0.66 -25.22 17.20
N LEU B 205 -0.64 -25.24 17.11
CA LEU B 205 0.70 -24.71 17.34
CA LEU B 205 0.70 -24.69 17.28
C LEU B 205 1.06 -24.44 18.79
C LEU B 205 1.00 -24.61 18.77
N ASP B 206 2.21 -24.96 19.21
CA ASP B 206 2.58 -24.84 20.62
C ASP B 206 2.59 -23.39 21.10
N SER B 207 2.07 -23.16 22.32
CA SER B 207 1.76 -21.82 22.79
C SER B 207 2.98 -20.95 23.13
N ASN B 208 4.16 -21.55 23.22
CA ASN B 208 5.39 -20.80 23.50
C ASN B 208 5.91 -20.08 22.24
N ILE B 209 5.38 -20.37 21.05
CA ILE B 209 5.89 -19.82 19.81
C ILE B 209 5.36 -18.41 19.62
N THR B 210 6.26 -17.45 19.47
CA THR B 210 5.95 -16.07 19.16
C THR B 210 5.64 -15.92 17.69
N ILE B 211 4.57 -15.13 17.39
CA ILE B 211 4.20 -14.84 16.03
C ILE B 211 4.50 -13.39 15.70
N ASN B 212 5.31 -13.21 14.65
CA ASN B 212 5.68 -11.92 14.13
C ASN B 212 4.71 -11.59 13.02
N TYR B 213 3.92 -10.53 13.28
CA TYR B 213 2.73 -10.27 12.46
C TYR B 213 3.03 -9.12 11.49
N TRP B 214 3.28 -9.49 10.20
CA TRP B 214 3.66 -8.51 9.20
C TRP B 214 2.46 -8.09 8.34
N SER B 215 1.69 -9.07 7.87
CA SER B 215 0.59 -8.81 6.93
C SER B 215 -0.33 -10.02 6.96
N GLN B 216 -1.64 -9.83 7.24
CA GLN B 216 -2.57 -10.96 7.18
C GLN B 216 -2.59 -11.54 5.78
N SER B 217 -2.44 -10.71 4.76
CA SER B 217 -2.50 -11.20 3.38
C SER B 217 -1.15 -11.66 2.84
N GLY B 218 -0.05 -11.54 3.59
CA GLY B 218 1.27 -11.79 3.05
C GLY B 218 1.66 -10.80 1.96
N ASN B 219 1.19 -9.55 2.10
CA ASN B 219 1.43 -8.50 1.13
C ASN B 219 0.90 -8.86 -0.25
N ASN B 220 -0.19 -9.61 -0.31
CA ASN B 220 -0.87 -9.83 -1.56
C ASN B 220 -1.75 -8.64 -1.92
N THR B 221 -1.84 -8.37 -3.21
CA THR B 221 -2.71 -7.33 -3.73
C THR B 221 -3.96 -7.86 -4.42
N ASP B 222 -3.92 -9.08 -4.97
CA ASP B 222 -5.06 -9.60 -5.71
C ASP B 222 -6.20 -9.82 -4.74
N VAL B 223 -7.35 -9.18 -4.97
CA VAL B 223 -8.43 -9.25 -3.99
C VAL B 223 -8.98 -10.68 -3.85
N ALA B 224 -8.86 -11.56 -4.84
CA ALA B 224 -9.28 -12.95 -4.63
C ALA B 224 -8.36 -13.68 -3.64
N ILE B 225 -7.06 -13.42 -3.72
CA ILE B 225 -6.12 -13.97 -2.76
C ILE B 225 -6.37 -13.38 -1.38
N ILE B 226 -6.52 -12.05 -1.31
CA ILE B 226 -6.81 -11.40 -0.04
C ILE B 226 -8.05 -12.01 0.61
N ALA B 227 -9.10 -12.24 -0.19
CA ALA B 227 -10.32 -12.80 0.37
C ALA B 227 -10.07 -14.19 0.97
N ASP B 228 -9.28 -15.00 0.28
CA ASP B 228 -8.91 -16.30 0.79
C ASP B 228 -8.18 -16.20 2.11
N ARG B 229 -7.22 -15.27 2.18
CA ARG B 229 -6.43 -15.14 3.39
C ARG B 229 -7.27 -14.58 4.56
N TYR B 230 -8.24 -13.70 4.25
CA TYR B 230 -9.15 -13.21 5.27
C TYR B 230 -9.96 -14.35 5.88
N ALA B 231 -10.44 -15.26 5.03
CA ALA B 231 -11.27 -16.34 5.49
C ALA B 231 -10.48 -17.42 6.22
N ASN B 232 -9.24 -17.63 5.80
CA ASN B 232 -8.52 -18.83 6.21
C ASN B 232 -7.23 -18.63 7.02
N ARG B 233 -6.65 -17.42 7.04
CA ARG B 233 -5.37 -17.20 7.69
C ARG B 233 -5.56 -16.34 8.93
N VAL B 234 -4.68 -16.55 9.91
CA VAL B 234 -4.89 -16.00 11.24
C VAL B 234 -4.89 -14.47 11.23
N SER B 235 -5.83 -13.92 12.02
CA SER B 235 -5.87 -12.51 12.36
C SER B 235 -5.14 -12.32 13.72
N VAL B 236 -4.98 -11.05 14.10
CA VAL B 236 -4.46 -10.73 15.41
C VAL B 236 -5.41 -11.21 16.49
N PRO B 237 -6.74 -10.96 16.39
CA PRO B 237 -7.67 -11.54 17.37
C PRO B 237 -7.57 -13.05 17.47
N ASP B 238 -7.39 -13.76 16.37
CA ASP B 238 -7.26 -15.20 16.46
C ASP B 238 -6.07 -15.56 17.34
N ILE B 239 -4.92 -14.86 17.16
CA ILE B 239 -3.71 -15.12 17.93
C ILE B 239 -3.94 -14.81 19.41
N LEU B 240 -4.62 -13.67 19.72
CA LEU B 240 -4.94 -13.37 21.10
C LEU B 240 -5.77 -14.49 21.73
N ALA B 241 -6.75 -15.02 20.99
CA ALA B 241 -7.63 -16.06 21.52
C ALA B 241 -6.86 -17.37 21.75
N SER B 242 -5.81 -17.60 20.95
CA SER B 242 -5.01 -18.82 21.07
C SER B 242 -3.95 -18.73 22.15
N GLY B 243 -3.63 -17.51 22.60
CA GLY B 243 -2.68 -17.30 23.67
C GLY B 243 -1.20 -17.30 23.24
N HIS B 244 -0.89 -17.05 21.97
CA HIS B 244 0.50 -16.94 21.56
C HIS B 244 0.98 -15.51 21.76
N PRO B 245 2.27 -15.31 22.09
CA PRO B 245 2.86 -13.97 22.07
C PRO B 245 2.89 -13.42 20.64
N ILE B 246 2.86 -12.09 20.51
CA ILE B 246 2.83 -11.41 19.24
C ILE B 246 3.86 -10.30 19.22
N VAL B 247 4.49 -10.15 18.07
CA VAL B 247 5.37 -9.03 17.76
C VAL B 247 4.78 -8.31 16.57
N ASN B 248 4.63 -7.00 16.65
CA ASN B 248 4.10 -6.22 15.55
C ASN B 248 5.20 -5.90 14.53
N CYS B 249 5.05 -6.47 13.34
CA CYS B 249 5.94 -6.25 12.22
C CYS B 249 5.21 -5.63 11.05
N ASN B 250 4.20 -4.77 11.33
CA ASN B 250 3.32 -4.17 10.33
C ASN B 250 4.13 -3.81 9.09
N SER B 251 3.83 -4.45 7.96
CA SER B 251 4.73 -4.33 6.79
C SER B 251 4.66 -2.96 6.15
N TYR B 252 3.63 -2.17 6.48
CA TYR B 252 3.56 -0.80 5.97
C TYR B 252 4.30 0.20 6.82
N ALA B 253 4.58 -0.14 8.06
CA ALA B 253 5.21 0.82 8.98
C ALA B 253 6.61 0.43 9.43
N THR B 254 6.95 -0.87 9.33
CA THR B 254 8.18 -1.36 9.92
C THR B 254 9.13 -1.97 8.91
N TYR B 255 8.78 -2.05 7.62
CA TYR B 255 9.63 -2.61 6.59
C TYR B 255 10.28 -1.49 5.78
N TYR B 256 11.57 -1.69 5.51
CA TYR B 256 12.24 -0.79 4.59
C TYR B 256 13.24 -1.57 3.77
N GLN B 257 13.39 -1.19 2.51
CA GLN B 257 14.37 -1.83 1.64
C GLN B 257 15.70 -1.09 1.78
N ILE B 258 16.77 -1.84 2.10
CA ILE B 258 18.12 -1.28 2.20
C ILE B 258 18.49 -0.54 0.91
N LYS B 259 18.06 -1.03 -0.26
CA LYS B 259 18.37 -0.39 -1.51
C LYS B 259 17.95 1.07 -1.56
N ASN B 260 16.93 1.46 -0.77
N ASN B 260 16.85 1.42 -0.89
CA ASN B 260 16.36 2.80 -0.79
CA ASN B 260 16.26 2.74 -0.95
C ASN B 260 16.85 3.71 0.33
C ASN B 260 17.07 3.73 -0.13
N ILE B 261 17.67 3.25 1.26
N ILE B 261 17.95 3.21 0.74
CA ILE B 261 18.27 4.19 2.22
CA ILE B 261 18.72 4.07 1.62
C ILE B 261 19.13 5.20 1.46
C ILE B 261 19.61 4.96 0.76
N GLY B 262 18.92 6.51 1.67
N GLY B 262 19.42 6.26 1.00
CA GLY B 262 19.72 7.54 1.01
CA GLY B 262 19.61 7.36 0.07
C GLY B 262 19.04 8.15 -0.24
C GLY B 262 18.41 8.33 0.08
N ASN B 263 17.89 7.57 -0.61
N ASN B 263 17.17 7.82 0.21
CA ASN B 263 16.83 8.30 -1.31
CA ASN B 263 16.01 8.52 -0.29
C ASN B 263 16.17 9.25 -0.33
C ASN B 263 15.36 9.38 0.80
N VAL B 264 16.39 10.57 -0.49
N VAL B 264 15.64 10.68 0.78
CA VAL B 264 16.08 11.52 0.56
CA VAL B 264 15.42 11.53 1.93
C VAL B 264 14.60 11.49 0.94
C VAL B 264 13.97 11.54 2.40
N ASN B 265 13.72 11.60 -0.05
N ASN B 265 13.05 11.87 1.50
CA ASN B 265 12.29 11.68 0.24
CA ASN B 265 11.67 12.06 1.88
C ASN B 265 11.79 10.35 0.84
C ASN B 265 11.08 10.76 2.41
N ASP B 266 12.23 9.23 0.28
N ASP B 266 11.35 9.69 1.67
CA ASP B 266 11.80 7.93 0.77
CA ASP B 266 10.83 8.37 2.00
C ASP B 266 12.29 7.70 2.19
C ASP B 266 11.49 7.89 3.30
N ASP B 267 13.56 8.02 2.45
N ASP B 267 12.80 8.16 3.48
CA ASP B 267 14.11 7.80 3.77
CA ASP B 267 13.38 7.87 4.78
C ASP B 267 13.35 8.65 4.78
C ASP B 267 12.68 8.66 5.90
N ASP B 268 13.15 9.91 4.44
N ASP B 268 12.51 9.97 5.73
CA ASP B 268 12.45 10.83 5.33
CA ASP B 268 11.87 10.82 6.73
C ASP B 268 11.04 10.35 5.64
C ASP B 268 10.47 10.29 7.06
N TYR B 269 10.32 9.85 4.63
N TYR B 269 9.71 9.90 6.03
CA TYR B 269 8.96 9.38 4.82
CA TYR B 269 8.36 9.42 6.24
C TYR B 269 8.98 8.25 5.85
C TYR B 269 8.38 8.20 7.15
N PHE B 270 9.86 7.28 5.59
N PHE B 270 9.29 7.26 6.83
CA PHE B 270 9.86 6.10 6.43
CA PHE B 270 9.35 6.01 7.56
C PHE B 270 10.16 6.45 7.87
C PHE B 270 9.72 6.26 9.02
N ILE B 271 11.23 7.24 8.06
N ILE B 271 10.78 7.05 9.26
CA ILE B 271 11.68 7.59 9.39
CA ILE B 271 11.25 7.31 10.61
C ILE B 271 10.64 8.42 10.13
C ILE B 271 10.20 8.10 11.41
N ASN B 272 10.06 9.39 9.45
N ASN B 272 9.62 9.14 10.79
CA ASN B 272 9.11 10.26 10.12
CA ASN B 272 8.63 9.98 11.45
C ASN B 272 7.85 9.46 10.49
C ASN B 272 7.42 9.13 11.87
N TYR B 273 7.43 8.57 9.60
N TYR B 273 6.97 8.29 10.95
CA TYR B 273 6.26 7.75 9.88
CA TYR B 273 5.81 7.48 11.20
C TYR B 273 6.54 6.84 11.09
C TYR B 273 6.09 6.52 12.35
N LEU B 274 7.68 6.16 11.08
N LEU B 274 7.20 5.80 12.23
CA LEU B 274 8.01 5.27 12.18
CA LEU B 274 7.60 4.88 13.27
C LEU B 274 8.06 6.05 13.51
C LEU B 274 7.71 5.63 14.58
N ASN B 275 8.79 7.17 13.47
N ASN B 275 8.38 6.78 14.56
CA ASN B 275 9.15 7.86 14.69
CA ASN B 275 8.74 7.42 15.81
C ASN B 275 8.01 8.67 15.27
C ASN B 275 7.56 8.15 16.45
N HIS B 276 7.05 9.11 14.45
N HIS B 276 6.58 8.61 15.65
CA HIS B 276 6.02 10.02 14.91
CA HIS B 276 5.56 9.50 16.17
C HIS B 276 4.58 9.53 14.71
C HIS B 276 4.12 9.00 15.96
N THR B 277 4.32 8.73 13.70
N THR B 277 3.87 8.25 14.89
CA THR B 277 2.95 8.37 13.36
CA THR B 277 2.51 7.95 14.48
C THR B 277 2.55 6.96 13.81
C THR B 277 2.13 6.52 14.86
N PHE B 278 3.42 5.99 13.57
N PHE B 278 3.04 5.60 14.54
CA PHE B 278 3.15 4.59 13.88
CA PHE B 278 2.77 4.20 14.78
C PHE B 278 2.98 4.42 15.39
C PHE B 278 2.63 3.94 16.26
N ARG B 279 2.23 3.39 15.81
N ARG B 279 1.81 2.95 16.56
CA ARG B 279 2.07 2.96 17.20
CA ARG B 279 1.66 2.51 17.91
C ARG B 279 2.01 1.42 17.28
C ARG B 279 1.81 1.01 17.86
N PRO B 280 2.39 0.80 18.41
N PRO B 280 2.47 0.44 18.87
CA PRO B 280 2.58 -0.66 18.48
CA PRO B 280 2.64 -0.99 18.88
C PRO B 280 1.37 -1.60 18.55
C PRO B 280 1.34 -1.76 18.73
N ASN B 281 0.16 -1.09 18.80
CA ASN B 281 -1.09 -1.86 18.73
C ASN B 281 -1.78 -1.70 17.37
N ILE B 282 -1.07 -1.21 16.34
CA ILE B 282 -1.67 -0.95 15.05
C ILE B 282 -1.11 -1.98 14.05
N PHE B 283 -1.96 -2.89 13.57
CA PHE B 283 -1.52 -4.03 12.81
C PHE B 283 -1.99 -3.93 11.36
N ASN B 284 -1.34 -4.76 10.51
CA ASN B 284 -1.66 -4.84 9.10
C ASN B 284 -2.52 -6.08 8.86
N GLU B 285 -3.85 -5.89 8.81
CA GLU B 285 -4.83 -6.98 8.70
C GLU B 285 -5.80 -6.64 7.59
N ILE B 286 -6.61 -7.65 7.23
CA ILE B 286 -7.60 -7.47 6.18
C ILE B 286 -8.91 -7.00 6.79
N ASP B 287 -9.46 -5.95 6.22
CA ASP B 287 -10.71 -5.40 6.74
C ASP B 287 -11.91 -6.13 6.15
N THR B 288 -13.12 -5.69 6.54
CA THR B 288 -14.34 -6.39 6.12
C THR B 288 -14.69 -6.10 4.67
N ASN B 289 -14.04 -5.15 4.00
CA ASN B 289 -14.16 -4.98 2.57
C ASN B 289 -13.16 -5.85 1.80
N GLY B 290 -12.33 -6.62 2.49
CA GLY B 290 -11.39 -7.50 1.82
C GLY B 290 -10.19 -6.75 1.30
N HIS B 291 -9.78 -5.67 1.97
CA HIS B 291 -8.60 -4.89 1.64
C HIS B 291 -7.60 -4.91 2.77
N ASN B 292 -6.32 -4.85 2.42
CA ASN B 292 -5.27 -4.63 3.40
C ASN B 292 -5.50 -3.30 4.14
N GLN B 293 -5.46 -3.36 5.46
CA GLN B 293 -5.70 -2.20 6.32
C GLN B 293 -4.48 -2.07 7.23
N ASP B 294 -3.61 -1.11 6.86
CA ASP B 294 -2.41 -0.82 7.60
C ASP B 294 -2.64 -0.25 8.99
N TRP B 295 -3.82 0.28 9.20
CA TRP B 295 -4.19 0.94 10.42
C TRP B 295 -5.30 0.15 11.10
N THR B 296 -5.00 -1.09 11.50
CA THR B 296 -5.95 -1.92 12.23
C THR B 296 -5.64 -1.82 13.73
N ILE B 297 -6.46 -1.10 14.48
CA ILE B 297 -6.19 -0.92 15.90
C ILE B 297 -6.69 -2.18 16.60
N GLU B 298 -5.86 -2.78 17.42
CA GLU B 298 -6.22 -3.98 18.13
C GLU B 298 -6.30 -3.69 19.62
N ASP B 299 -7.52 -3.46 20.10
CA ASP B 299 -7.73 -3.02 21.47
C ASP B 299 -7.43 -4.11 22.48
N GLY B 300 -7.39 -5.36 22.06
CA GLY B 300 -7.08 -6.48 22.92
C GLY B 300 -5.57 -6.68 23.16
N VAL B 301 -4.71 -6.01 22.38
CA VAL B 301 -3.27 -6.17 22.53
C VAL B 301 -2.78 -5.33 23.70
N THR B 302 -2.04 -6.01 24.61
CA THR B 302 -1.51 -5.38 25.81
C THR B 302 0.01 -5.30 25.82
N THR B 303 0.63 -5.86 24.78
CA THR B 303 2.08 -5.90 24.62
C THR B 303 2.47 -4.91 23.52
N ASN B 304 3.77 -4.64 23.34
CA ASN B 304 4.19 -3.54 22.50
C ASN B 304 5.40 -3.91 21.66
N GLY B 305 5.67 -5.19 21.50
CA GLY B 305 6.88 -5.56 20.75
C GLY B 305 6.78 -5.09 19.30
N ILE B 306 7.87 -4.52 18.78
CA ILE B 306 8.01 -4.12 17.39
C ILE B 306 9.36 -4.61 16.91
N LEU B 307 9.40 -5.15 15.70
CA LEU B 307 10.63 -5.40 14.96
C LEU B 307 10.60 -4.49 13.73
N VAL B 308 11.71 -3.78 13.48
CA VAL B 308 11.90 -3.07 12.23
C VAL B 308 12.73 -3.99 11.35
N SER B 309 12.30 -4.19 10.11
CA SER B 309 12.95 -5.11 9.18
C SER B 309 13.59 -4.34 8.04
N LEU B 310 14.92 -4.54 7.88
CA LEU B 310 15.69 -3.97 6.78
C LEU B 310 15.99 -5.09 5.79
N TRP B 311 15.16 -5.12 4.75
CA TRP B 311 15.21 -6.15 3.74
C TRP B 311 16.23 -5.79 2.67
N GLY B 312 16.96 -6.80 2.15
CA GLY B 312 18.21 -6.54 1.44
C GLY B 312 18.22 -6.77 -0.05
N ALA B 313 17.13 -7.08 -0.73
CA ALA B 313 17.23 -7.40 -2.15
C ALA B 313 17.83 -6.24 -2.93
N ASP B 314 18.66 -6.57 -3.90
CA ASP B 314 19.15 -5.61 -4.90
C ASP B 314 19.80 -4.39 -4.25
N SER B 315 20.63 -4.59 -3.22
CA SER B 315 21.18 -3.47 -2.46
C SER B 315 22.69 -3.58 -2.32
N GLU B 316 23.35 -4.21 -3.29
CA GLU B 316 24.79 -4.50 -3.16
C GLU B 316 25.66 -3.27 -2.96
N HIS B 317 25.24 -2.11 -3.47
CA HIS B 317 26.06 -0.92 -3.42
C HIS B 317 25.82 -0.06 -2.18
N VAL B 318 24.85 -0.39 -1.34
CA VAL B 318 24.57 0.40 -0.16
C VAL B 318 25.64 0.07 0.88
N THR B 319 26.24 1.12 1.47
CA THR B 319 27.35 0.88 2.35
C THR B 319 26.92 0.55 3.77
N PRO B 320 27.79 -0.07 4.60
CA PRO B 320 27.46 -0.25 6.00
C PRO B 320 27.19 1.05 6.75
N THR B 321 27.92 2.12 6.42
CA THR B 321 27.70 3.40 7.04
C THR B 321 26.28 3.87 6.78
N ALA B 322 25.83 3.73 5.53
CA ALA B 322 24.46 4.14 5.24
C ALA B 322 23.42 3.39 6.08
N ILE B 323 23.62 2.09 6.22
CA ILE B 323 22.71 1.26 6.99
C ILE B 323 22.72 1.69 8.46
N VAL B 324 23.90 1.85 9.03
CA VAL B 324 24.05 2.21 10.43
C VAL B 324 23.42 3.59 10.69
N ASN B 325 23.69 4.56 9.81
CA ASN B 325 23.15 5.90 9.99
C ASN B 325 21.64 5.92 9.90
N PHE B 326 21.04 5.03 9.09
CA PHE B 326 19.58 4.93 9.01
C PHE B 326 19.03 4.38 10.32
N ILE B 327 19.67 3.34 10.87
CA ILE B 327 19.26 2.80 12.17
C ILE B 327 19.35 3.87 13.26
N LYS B 328 20.39 4.69 13.20
CA LYS B 328 20.56 5.76 14.19
C LYS B 328 19.46 6.82 14.14
N ARG B 329 18.65 6.86 13.08
CA ARG B 329 17.49 7.76 13.02
C ARG B 329 16.27 7.19 13.74
N MET B 330 16.26 5.90 14.10
CA MET B 330 15.05 5.23 14.53
C MET B 330 14.81 5.38 16.01
N THR B 331 13.59 5.78 16.38
CA THR B 331 13.11 5.70 17.74
C THR B 331 11.79 4.92 17.73
N ILE B 332 11.90 3.60 17.96
CA ILE B 332 10.75 2.72 17.86
C ILE B 332 9.79 3.08 18.97
N PRO B 333 8.49 3.28 18.69
CA PRO B 333 7.53 3.66 19.72
C PRO B 333 7.27 2.49 20.67
N ARG B 334 7.06 2.84 21.94
CA ARG B 334 6.81 1.87 22.98
C ARG B 334 5.41 1.97 23.53
N SER B 335 4.73 3.11 23.26
CA SER B 335 3.47 3.44 23.89
C SER B 335 2.40 3.48 22.80
N PHE B 336 1.17 3.29 23.19
CA PHE B 336 0.09 3.38 22.26
C PHE B 336 -0.44 4.80 22.10
O1 GC2 C . -15.76 20.51 -11.60
C8 GC2 C . -15.88 19.77 -12.58
C10 GC2 C . -16.17 18.32 -12.39
N2 GC2 C . -15.63 20.18 -13.81
C2 GC2 C . -14.96 21.47 -14.14
C3 GC2 C . -13.43 21.46 -14.00
O4 GC2 C . -12.72 21.13 -15.17
C4 GC2 C . -12.88 22.83 -13.58
O2 GC2 C . -11.46 22.78 -13.55
C1 GC2 C . -15.61 22.70 -13.40
N1 GC2 C . -14.92 22.96 -12.11
C5 GC2 C . -13.42 23.11 -12.19
C9 GC2 C . -15.46 24.09 -11.37
C7 GC2 C . -14.29 24.73 -10.66
C6 GC2 C . -13.18 24.54 -11.70
O3 GC2 C . -13.36 25.48 -12.76
H101 GC2 C . -16.14 18.09 -11.46
H102 GC2 C . -15.50 17.81 -12.87
H103 GC2 C . -17.05 18.11 -12.75
H2 GC2 C . -15.88 19.68 -14.49
HA GC2 C . -15.13 21.61 -15.11
H3 GC2 C . -13.18 20.80 -13.30
H11C GC2 C . -16.56 22.52 -13.24
H12C GC2 C . -15.55 23.49 -13.97
H4 GC2 C . -12.19 21.74 -15.35
HB GC2 C . -13.18 23.51 -14.23
HC GC2 C . -11.19 22.93 -12.77
H5 GC2 C . -13.00 22.49 -11.56
H91C GC2 C . -16.14 23.79 -10.72
H92C GC2 C . -15.89 24.74 -11.99
H6 GC2 C . -12.28 24.64 -11.29
H71C GC2 C . -14.05 24.24 -9.81
H72C GC2 C . -14.44 25.71 -10.46
HD GC2 C . -14.05 25.95 -12.58
C1 EDO D . -25.29 -1.06 -24.03
O1 EDO D . -25.67 -0.38 -25.23
C2 EDO D . -25.06 -0.15 -22.90
O2 EDO D . -26.30 0.27 -22.29
H11 EDO D . -24.47 -1.57 -24.19
H12 EDO D . -26.00 -1.69 -23.79
HO1 EDO D . -25.79 -0.94 -25.84
H21 EDO D . -24.57 0.64 -23.22
H22 EDO D . -24.50 -0.61 -22.23
HO2 EDO D . -26.69 0.83 -22.78
C1 EDO E . -27.28 11.62 -19.67
O1 EDO E . -27.82 12.50 -18.75
C2 EDO E . -26.49 10.44 -19.31
O2 EDO E . -27.04 9.63 -18.21
H11 EDO E . -26.73 12.16 -20.28
H12 EDO E . -28.03 11.29 -20.21
HO1 EDO E . -28.22 13.13 -19.16
H21 EDO E . -25.60 10.75 -19.05
H22 EDO E . -26.39 9.89 -20.11
HO2 EDO E . -27.58 10.09 -17.75
O1 GC2 F . 8.08 -10.35 4.75
C8 GC2 F . 8.28 -11.53 4.93
C10 GC2 F . 8.24 -12.12 6.28
N2 GC2 F . 8.64 -12.34 3.91
C2 GC2 F . 9.26 -11.81 2.66
C3 GC2 F . 10.71 -11.26 2.66
O4 GC2 F . 11.68 -12.19 2.26
C4 GC2 F . 10.93 -10.15 1.62
O2 GC2 F . 12.29 -9.71 1.55
C1 GC2 F . 8.29 -10.76 1.99
N1 GC2 F . 8.66 -9.37 2.33
C5 GC2 F . 10.09 -8.98 2.05
C9 GC2 F . 7.79 -8.35 1.76
C7 GC2 F . 8.67 -7.13 1.47
C6 GC2 F . 9.96 -7.81 1.06
O3 GC2 F . 9.84 -8.28 -0.29
H101 GC2 F . 8.11 -11.43 6.94
H102 GC2 F . 9.08 -12.58 6.46
H103 GC2 F . 7.51 -12.76 6.33
H2 GC2 F . 8.51 -13.21 3.98
HA GC2 F . 9.29 -12.58 2.03
H3 GC2 F . 10.94 -10.92 3.56
H11C GC2 F . 7.37 -10.93 2.29
H12C GC2 F . 8.31 -10.87 1.03
H4 GC2 F . 12.08 -11.88 1.58
HB GC2 F . 10.65 -10.48 0.72
HC GC2 F . 12.33 -8.89 1.75
H5 GC2 F . 10.47 -8.62 2.89
H91C GC2 F . 7.07 -8.11 2.41
H92C GC2 F . 7.37 -8.68 0.93
H6 GC2 F . 10.73 -7.19 1.12
H71C GC2 F . 8.81 -6.54 2.28
H72C GC2 F . 8.30 -6.57 0.71
HD GC2 F . 9.07 -8.08 -0.58
C1 EDO G . -0.12 -24.23 9.04
O1 EDO G . -0.96 -23.16 8.62
C2 EDO G . 0.79 -23.92 10.16
O2 EDO G . 0.19 -23.81 11.43
H11 EDO G . 0.41 -24.53 8.28
H12 EDO G . -0.70 -24.98 9.32
HO1 EDO G . -1.45 -23.41 7.98
H21 EDO G . 1.25 -23.07 9.96
H22 EDO G . 1.48 -24.63 10.20
HO2 EDO G . -0.51 -23.34 11.37
C1 PEG H . 2.20 4.51 4.87
O1 PEG H . 3.32 4.37 5.71
C2 PEG H . 1.15 3.53 5.24
O2 PEG H . 0.00 4.26 5.61
C3 PEG H . -0.77 4.75 4.52
C4 PEG H . -2.01 3.96 4.48
O4 PEG H . -2.94 4.27 3.46
H11 PEG H . 2.46 4.37 3.95
H12 PEG H . 1.83 5.41 4.95
HO1 PEG H . 3.83 4.94 5.51
H21 PEG H . 1.46 2.97 5.98
H22 PEG H . 0.95 2.95 4.47
H31 PEG H . -0.26 4.68 3.70
H32 PEG H . -0.97 5.69 4.66
H41 PEG H . -2.46 4.04 5.34
H42 PEG H . -1.75 3.03 4.37
HO4 PEG H . -2.69 5.00 3.07
#